data_5U98
#
_entry.id   5U98
#
_cell.length_a   45.134
_cell.length_b   132.602
_cell.length_c   87.964
_cell.angle_alpha   90.00
_cell.angle_beta   104.99
_cell.angle_gamma   90.00
#
_symmetry.space_group_name_H-M   'P 1 21 1'
#
loop_
_entity.id
_entity.type
_entity.pdbx_description
1 polymer 'HLA class I histocompatibility antigen, B-57 alpha chain'
2 polymer Beta-2-microglobulin
3 polymer VAL-THR-THR-ASP-ILE-GLN-VAL-LYS-VAL
4 non-polymer {(1S,4R)-4-[2-amino-6-(cyclopropylamino)-9H-purin-9-yl]cyclopent-2-en-1-yl}methanol
5 water water
#
loop_
_entity_poly.entity_id
_entity_poly.type
_entity_poly.pdbx_seq_one_letter_code
_entity_poly.pdbx_strand_id
1 'polypeptide(L)'
;MGSHSMRYFYTAMSRPGRGEPRFIAVGYVDDTQFVRFDSDAASPRMAPRAPWIEQEGPEYWDGETRNMKASAQTYRENLR
IALRYYNQSEAGSHIIQVMYGCDVGPDGRLLRGHDQSAYDGKDYIALNEDLSSWTAADTAAQITQRKWEAARVAEQLRAY
LEGLCVEWLRRYLENGKETLQRADPPKTHVTHHPISDHEATLRCWALGFYPAEITLTWQRDGEDQTQDTELVETRPAGDR
TFQKWAAVVVPSGEEQRYTCHVQHEGLPKPLTLRWEP
;
A,D
2 'polypeptide(L)'
;IQRTPKIQVYSRHPAENGKSNFLNCYVSGFHPSDIEVDLLKNGERIEKVEHSDLSFSKDWSFYLLYYTEFTPTEKDEYAC
RVNHVTLSQPKIVKWDRDM
;
B,E
3 'polypeptide(L)' VTTDIQVKV C,F
#
loop_
_chem_comp.id
_chem_comp.type
_chem_comp.name
_chem_comp.formula
1KX non-polymer {(1S,4R)-4-[2-amino-6-(cyclopropylamino)-9H-purin-9-yl]cyclopent-2-en-1-yl}methanol 'C14 H18 N6 O'
#
# COMPACT_ATOMS: atom_id res chain seq x y z
N SER A 3 0.81 16.99 -36.18
CA SER A 3 1.81 16.96 -35.13
C SER A 3 1.23 16.70 -33.74
N HIS A 4 -0.02 16.24 -33.64
CA HIS A 4 -0.55 15.83 -32.33
C HIS A 4 -1.53 14.65 -32.40
N SER A 5 -1.77 14.04 -31.24
CA SER A 5 -2.70 12.93 -31.18
C SER A 5 -3.43 12.86 -29.85
N MET A 6 -4.60 12.23 -29.86
CA MET A 6 -5.31 11.89 -28.63
C MET A 6 -5.60 10.40 -28.73
N ARG A 7 -5.35 9.67 -27.65
CA ARG A 7 -5.56 8.22 -27.67
C ARG A 7 -6.18 7.78 -26.37
N TYR A 8 -7.12 6.85 -26.47
CA TYR A 8 -7.67 6.25 -25.29
C TYR A 8 -7.30 4.76 -25.30
N PHE A 9 -6.99 4.24 -24.13
CA PHE A 9 -6.56 2.86 -23.98
C PHE A 9 -7.46 2.19 -22.97
N TYR A 10 -8.27 1.24 -23.44
CA TYR A 10 -9.17 0.49 -22.56
C TYR A 10 -8.64 -0.93 -22.36
N THR A 11 -8.64 -1.39 -21.12
CA THR A 11 -8.27 -2.79 -20.84
C THR A 11 -9.37 -3.42 -19.99
N ALA A 12 -9.91 -4.54 -20.48
CA ALA A 12 -10.88 -5.29 -19.69
C ALA A 12 -10.35 -6.70 -19.41
N MET A 13 -10.35 -7.10 -18.13
CA MET A 13 -9.64 -8.31 -17.68
C MET A 13 -10.58 -9.16 -16.85
N SER A 14 -10.95 -10.36 -17.34
CA SER A 14 -11.74 -11.25 -16.50
C SER A 14 -10.84 -11.95 -15.48
N ARG A 15 -11.44 -12.41 -14.41
CA ARG A 15 -10.66 -12.94 -13.29
C ARG A 15 -11.56 -13.84 -12.43
N PRO A 16 -11.97 -14.99 -12.99
CA PRO A 16 -12.88 -15.93 -12.29
C PRO A 16 -12.41 -16.21 -10.86
N GLY A 17 -13.31 -16.10 -9.88
CA GLY A 17 -12.96 -16.24 -8.49
C GLY A 17 -12.56 -14.93 -7.83
N ARG A 18 -12.31 -13.90 -8.64
CA ARG A 18 -11.89 -12.62 -8.10
C ARG A 18 -12.81 -11.47 -8.50
N GLY A 19 -14.09 -11.79 -8.72
CA GLY A 19 -15.09 -10.78 -9.01
C GLY A 19 -15.36 -10.58 -10.50
N GLU A 20 -16.19 -9.59 -10.79
CA GLU A 20 -16.53 -9.29 -12.18
C GLU A 20 -15.29 -8.75 -12.89
N PRO A 21 -15.31 -8.79 -14.23
CA PRO A 21 -14.13 -8.29 -14.94
C PRO A 21 -13.81 -6.82 -14.65
N ARG A 22 -12.52 -6.52 -14.53
CA ARG A 22 -12.05 -5.17 -14.23
C ARG A 22 -11.86 -4.39 -15.52
N PHE A 23 -12.23 -3.11 -15.48
CA PHE A 23 -12.14 -2.24 -16.63
C PHE A 23 -11.32 -1.01 -16.28
N ILE A 24 -10.29 -0.75 -17.08
CA ILE A 24 -9.39 0.37 -16.84
C ILE A 24 -9.32 1.16 -18.13
N ALA A 25 -9.49 2.48 -18.04
CA ALA A 25 -9.29 3.34 -19.19
C ALA A 25 -8.31 4.44 -18.86
N VAL A 26 -7.41 4.71 -19.79
CA VAL A 26 -6.58 5.91 -19.65
C VAL A 26 -6.63 6.69 -20.96
N GLY A 27 -6.49 8.01 -20.84
CA GLY A 27 -6.43 8.87 -21.99
C GLY A 27 -5.13 9.66 -22.06
N TYR A 28 -4.61 9.82 -23.26
CA TYR A 28 -3.38 10.56 -23.52
C TYR A 28 -3.62 11.62 -24.59
N VAL A 29 -3.04 12.79 -24.38
CA VAL A 29 -2.76 13.68 -25.51
C VAL A 29 -1.24 13.64 -25.70
N ASP A 30 -0.81 13.29 -26.90
CA ASP A 30 0.61 13.03 -27.17
C ASP A 30 1.18 12.08 -26.11
N ASP A 31 2.26 12.43 -25.43
CA ASP A 31 2.79 11.51 -24.42
C ASP A 31 2.36 11.88 -23.00
N THR A 32 1.28 12.64 -22.88
CA THR A 32 0.81 13.07 -21.57
C THR A 32 -0.52 12.37 -21.19
N GLN A 33 -0.51 11.59 -20.11
CA GLN A 33 -1.76 11.02 -19.64
C GLN A 33 -2.60 12.13 -19.01
N PHE A 34 -3.89 12.17 -19.31
CA PHE A 34 -4.69 13.25 -18.77
C PHE A 34 -5.95 12.80 -18.07
N VAL A 35 -6.43 11.59 -18.35
CA VAL A 35 -7.54 11.03 -17.58
C VAL A 35 -7.32 9.56 -17.29
N ARG A 36 -8.02 9.08 -16.27
CA ARG A 36 -7.99 7.66 -15.91
C ARG A 36 -9.37 7.22 -15.42
N PHE A 37 -9.67 5.95 -15.59
CA PHE A 37 -10.81 5.32 -14.91
C PHE A 37 -10.43 3.90 -14.51
N ASP A 38 -10.79 3.49 -13.30
CA ASP A 38 -10.58 2.11 -12.84
C ASP A 38 -11.85 1.63 -12.13
N SER A 39 -12.49 0.58 -12.67
CA SER A 39 -13.72 0.07 -12.09
C SER A 39 -13.52 -0.49 -10.67
N ASP A 40 -12.28 -0.78 -10.30
CA ASP A 40 -12.00 -1.32 -8.95
C ASP A 40 -11.79 -0.26 -7.87
N ALA A 41 -11.84 1.02 -8.24
CA ALA A 41 -11.73 2.09 -7.25
C ALA A 41 -12.86 2.02 -6.22
N ALA A 42 -12.60 2.48 -5.00
CA ALA A 42 -13.59 2.48 -3.92
C ALA A 42 -14.84 3.20 -4.40
N SER A 43 -14.64 4.29 -5.13
CA SER A 43 -15.71 4.96 -5.86
C SER A 43 -15.22 5.34 -7.27
N PRO A 44 -15.57 4.53 -8.28
CA PRO A 44 -15.09 4.68 -9.66
C PRO A 44 -15.63 5.92 -10.41
N ARG A 45 -14.69 6.69 -10.94
CA ARG A 45 -15.00 7.92 -11.65
C ARG A 45 -13.88 8.18 -12.64
N MET A 46 -14.20 8.82 -13.75
CA MET A 46 -13.17 9.40 -14.59
C MET A 46 -12.51 10.52 -13.79
N ALA A 47 -11.17 10.50 -13.75
CA ALA A 47 -10.42 11.39 -12.89
C ALA A 47 -9.29 12.08 -13.66
N PRO A 48 -8.95 13.32 -13.27
CA PRO A 48 -7.89 14.07 -13.95
C PRO A 48 -6.50 13.51 -13.64
N ARG A 49 -5.60 13.52 -14.62
CA ARG A 49 -4.21 13.10 -14.38
C ARG A 49 -3.21 14.12 -14.92
N ALA A 50 -3.73 15.21 -15.49
CA ALA A 50 -2.90 16.33 -15.90
C ALA A 50 -3.55 17.65 -15.43
N PRO A 51 -2.73 18.65 -15.07
CA PRO A 51 -3.27 19.89 -14.50
C PRO A 51 -4.32 20.57 -15.39
N TRP A 52 -4.07 20.59 -16.70
CA TRP A 52 -4.91 21.37 -17.60
C TRP A 52 -6.29 20.81 -17.89
N ILE A 53 -6.59 19.59 -17.42
CA ILE A 53 -7.92 19.01 -17.63
C ILE A 53 -8.82 19.31 -16.44
N GLU A 54 -8.19 19.67 -15.33
CA GLU A 54 -8.93 19.87 -14.08
C GLU A 54 -10.05 20.92 -14.18
N GLN A 55 -9.85 21.90 -15.06
CA GLN A 55 -10.83 22.97 -15.23
C GLN A 55 -12.15 22.53 -15.85
N GLU A 56 -12.18 21.37 -16.50
CA GLU A 56 -13.40 20.89 -17.11
C GLU A 56 -14.48 20.79 -16.04
N GLY A 57 -15.70 21.18 -16.40
CA GLY A 57 -16.75 21.30 -15.40
C GLY A 57 -17.37 19.97 -15.03
N PRO A 58 -18.31 20.00 -14.07
CA PRO A 58 -18.92 18.79 -13.52
C PRO A 58 -19.63 17.94 -14.57
N GLU A 59 -20.15 18.55 -15.64
CA GLU A 59 -20.87 17.79 -16.66
C GLU A 59 -19.90 16.91 -17.46
N TYR A 60 -18.68 17.38 -17.63
CA TYR A 60 -17.61 16.59 -18.23
C TYR A 60 -17.31 15.36 -17.38
N TRP A 61 -16.99 15.58 -16.10
CA TRP A 61 -16.59 14.51 -15.19
C TRP A 61 -17.73 13.52 -14.94
N ASP A 62 -18.94 14.03 -14.70
CA ASP A 62 -20.12 13.17 -14.51
C ASP A 62 -20.42 12.35 -15.77
N GLY A 63 -20.38 13.02 -16.92
CA GLY A 63 -20.60 12.38 -18.21
C GLY A 63 -19.55 11.33 -18.58
N GLU A 64 -18.28 11.64 -18.31
CA GLU A 64 -17.22 10.68 -18.61
C GLU A 64 -17.34 9.46 -17.71
N THR A 65 -17.67 9.70 -16.45
CA THR A 65 -17.88 8.63 -15.48
C THR A 65 -19.04 7.73 -15.88
N ARG A 66 -20.12 8.31 -16.42
CA ARG A 66 -21.23 7.48 -16.84
CA ARG A 66 -21.27 7.56 -16.91
C ARG A 66 -20.86 6.68 -18.09
N ASN A 67 -20.14 7.29 -19.02
CA ASN A 67 -19.71 6.59 -20.22
C ASN A 67 -18.74 5.43 -19.88
N MET A 68 -17.90 5.65 -18.89
CA MET A 68 -16.93 4.62 -18.51
C MET A 68 -17.65 3.44 -17.86
N LYS A 69 -18.65 3.74 -17.05
CA LYS A 69 -19.43 2.70 -16.38
C LYS A 69 -20.22 1.88 -17.39
N ALA A 70 -20.77 2.55 -18.40
CA ALA A 70 -21.46 1.86 -19.49
C ALA A 70 -20.52 1.03 -20.33
N SER A 71 -19.36 1.59 -20.65
CA SER A 71 -18.37 0.89 -21.48
C SER A 71 -17.83 -0.35 -20.78
N ALA A 72 -17.58 -0.24 -19.47
CA ALA A 72 -17.17 -1.38 -18.65
C ALA A 72 -18.18 -2.52 -18.79
N GLN A 73 -19.45 -2.20 -18.66
CA GLN A 73 -20.50 -3.21 -18.78
C GLN A 73 -20.52 -3.84 -20.17
N THR A 74 -20.42 -3.02 -21.20
CA THR A 74 -20.36 -3.52 -22.56
C THR A 74 -19.16 -4.43 -22.81
N TYR A 75 -18.00 -4.02 -22.31
CA TYR A 75 -16.79 -4.83 -22.47
C TYR A 75 -16.90 -6.15 -21.67
N ARG A 76 -17.61 -6.12 -20.55
CA ARG A 76 -17.84 -7.38 -19.82
C ARG A 76 -18.67 -8.33 -20.66
N GLU A 77 -19.63 -7.76 -21.40
CA GLU A 77 -20.46 -8.58 -22.27
C GLU A 77 -19.64 -9.13 -23.43
N ASN A 78 -18.74 -8.30 -23.96
CA ASN A 78 -17.93 -8.70 -25.09
C ASN A 78 -16.91 -9.76 -24.70
N LEU A 79 -16.45 -9.75 -23.45
CA LEU A 79 -15.62 -10.85 -22.93
C LEU A 79 -16.40 -12.17 -22.97
N ARG A 80 -17.68 -12.11 -22.58
CA ARG A 80 -18.52 -13.32 -22.60
C ARG A 80 -18.74 -13.83 -24.02
N ILE A 81 -18.91 -12.89 -24.96
CA ILE A 81 -19.11 -13.25 -26.34
C ILE A 81 -17.83 -13.85 -26.93
N ALA A 82 -16.70 -13.20 -26.70
CA ALA A 82 -15.41 -13.72 -27.17
C ALA A 82 -15.15 -15.13 -26.65
N LEU A 83 -15.50 -15.36 -25.38
CA LEU A 83 -15.35 -16.68 -24.78
C LEU A 83 -16.10 -17.75 -25.60
N ARG A 84 -17.30 -17.41 -26.04
CA ARG A 84 -18.11 -18.32 -26.83
C ARG A 84 -17.52 -18.49 -28.23
N TYR A 85 -17.10 -17.40 -28.87
CA TYR A 85 -16.46 -17.48 -30.19
C TYR A 85 -15.31 -18.46 -30.16
N TYR A 86 -14.51 -18.39 -29.10
CA TYR A 86 -13.29 -19.17 -29.02
C TYR A 86 -13.47 -20.49 -28.28
N ASN A 87 -14.71 -20.82 -27.91
CA ASN A 87 -15.04 -22.03 -27.15
C ASN A 87 -14.12 -22.23 -25.95
N GLN A 88 -13.98 -21.18 -25.14
CA GLN A 88 -13.09 -21.21 -24.00
C GLN A 88 -13.87 -21.35 -22.71
N SER A 89 -13.19 -21.83 -21.67
CA SER A 89 -13.82 -22.09 -20.38
C SER A 89 -14.03 -20.80 -19.59
N GLU A 90 -15.12 -20.76 -18.83
CA GLU A 90 -15.38 -19.64 -17.93
C GLU A 90 -14.41 -19.58 -16.76
N ALA A 91 -13.60 -20.62 -16.56
CA ALA A 91 -12.65 -20.63 -15.46
C ALA A 91 -11.32 -19.99 -15.84
N GLY A 92 -11.16 -19.60 -17.10
CA GLY A 92 -9.91 -18.99 -17.54
C GLY A 92 -10.02 -17.47 -17.56
N SER A 93 -8.90 -16.80 -17.39
CA SER A 93 -8.89 -15.34 -17.41
C SER A 93 -8.52 -14.85 -18.81
N HIS A 94 -9.22 -13.82 -19.28
CA HIS A 94 -8.94 -13.25 -20.59
C HIS A 94 -8.92 -11.72 -20.58
N ILE A 95 -8.36 -11.15 -21.65
CA ILE A 95 -8.19 -9.71 -21.77
C ILE A 95 -8.57 -9.17 -23.14
N ILE A 96 -9.41 -8.14 -23.13
CA ILE A 96 -9.65 -7.28 -24.28
C ILE A 96 -8.88 -6.00 -24.09
N GLN A 97 -8.12 -5.59 -25.10
CA GLN A 97 -7.49 -4.27 -25.11
C GLN A 97 -7.92 -3.52 -26.34
N VAL A 98 -8.30 -2.27 -26.16
CA VAL A 98 -8.78 -1.45 -27.28
C VAL A 98 -8.11 -0.08 -27.24
N MET A 99 -7.59 0.34 -28.39
CA MET A 99 -7.00 1.65 -28.53
C MET A 99 -7.75 2.38 -29.63
N TYR A 100 -8.14 3.62 -29.37
CA TYR A 100 -8.75 4.44 -30.41
C TYR A 100 -8.40 5.90 -30.22
N GLY A 101 -8.57 6.67 -31.28
CA GLY A 101 -8.32 8.10 -31.20
C GLY A 101 -7.91 8.67 -32.55
N CYS A 102 -7.39 9.89 -32.51
CA CYS A 102 -7.13 10.63 -33.74
C CYS A 102 -5.79 11.35 -33.74
N ASP A 103 -5.18 11.40 -34.92
CA ASP A 103 -4.00 12.20 -35.19
C ASP A 103 -4.39 13.47 -35.94
N VAL A 104 -3.84 14.61 -35.54
CA VAL A 104 -4.11 15.85 -36.26
C VAL A 104 -2.81 16.48 -36.74
N GLY A 105 -2.92 17.31 -37.78
CA GLY A 105 -1.76 17.99 -38.34
C GLY A 105 -1.61 19.34 -37.67
N PRO A 106 -0.60 20.12 -38.09
CA PRO A 106 -0.31 21.43 -37.50
C PRO A 106 -1.49 22.39 -37.64
N ASP A 107 -2.29 22.19 -38.70
CA ASP A 107 -3.46 23.02 -38.95
C ASP A 107 -4.66 22.63 -38.08
N GLY A 108 -4.54 21.51 -37.37
CA GLY A 108 -5.59 21.08 -36.49
C GLY A 108 -6.63 20.20 -37.16
N ARG A 109 -6.31 19.71 -38.36
CA ARG A 109 -7.23 18.84 -39.08
C ARG A 109 -6.79 17.39 -39.08
N LEU A 110 -7.76 16.49 -39.28
CA LEU A 110 -7.54 15.05 -39.12
C LEU A 110 -6.53 14.47 -40.10
N LEU A 111 -5.48 13.86 -39.56
CA LEU A 111 -4.50 13.15 -40.38
C LEU A 111 -4.88 11.68 -40.53
N ARG A 112 -5.24 11.02 -39.43
CA ARG A 112 -5.61 9.61 -39.45
C ARG A 112 -6.36 9.26 -38.17
N GLY A 113 -7.36 8.39 -38.28
CA GLY A 113 -8.14 7.93 -37.14
C GLY A 113 -7.75 6.50 -36.81
N HIS A 114 -8.00 6.07 -35.57
CA HIS A 114 -7.55 4.77 -35.09
C HIS A 114 -8.63 4.09 -34.27
N ASP A 115 -8.76 2.79 -34.45
CA ASP A 115 -9.64 1.99 -33.61
C ASP A 115 -9.24 0.53 -33.77
N GLN A 116 -8.33 0.06 -32.90
CA GLN A 116 -7.85 -1.31 -33.04
C GLN A 116 -7.80 -2.03 -31.71
N SER A 117 -7.83 -3.35 -31.77
CA SER A 117 -7.97 -4.15 -30.57
C SER A 117 -7.22 -5.47 -30.58
N ALA A 118 -7.10 -6.03 -29.40
CA ALA A 118 -6.44 -7.30 -29.21
C ALA A 118 -7.25 -8.13 -28.24
N TYR A 119 -7.20 -9.44 -28.45
CA TYR A 119 -7.78 -10.36 -27.49
C TYR A 119 -6.66 -11.26 -27.02
N ASP A 120 -6.49 -11.33 -25.70
CA ASP A 120 -5.33 -12.01 -25.08
C ASP A 120 -4.00 -11.67 -25.77
N GLY A 121 -3.86 -10.40 -26.13
CA GLY A 121 -2.59 -9.87 -26.59
C GLY A 121 -2.24 -10.14 -28.03
N LYS A 122 -3.19 -10.69 -28.79
CA LYS A 122 -3.06 -10.87 -30.23
C LYS A 122 -4.06 -9.97 -30.93
N ASP A 123 -3.67 -9.43 -32.08
CA ASP A 123 -4.59 -8.61 -32.89
C ASP A 123 -5.95 -9.26 -33.03
N TYR A 124 -7.00 -8.48 -32.86
CA TYR A 124 -8.33 -8.99 -33.06
C TYR A 124 -8.96 -8.32 -34.29
N ILE A 125 -9.37 -7.07 -34.14
CA ILE A 125 -9.90 -6.34 -35.28
C ILE A 125 -9.46 -4.88 -35.22
N ALA A 126 -9.21 -4.32 -36.40
CA ALA A 126 -8.78 -2.94 -36.52
C ALA A 126 -9.56 -2.23 -37.62
N LEU A 127 -9.89 -0.96 -37.39
CA LEU A 127 -10.49 -0.11 -38.42
C LEU A 127 -9.37 0.28 -39.39
N ASN A 128 -9.64 0.25 -40.68
CA ASN A 128 -8.59 0.62 -41.61
C ASN A 128 -8.50 2.13 -41.78
N GLU A 129 -7.44 2.60 -42.44
CA GLU A 129 -7.21 4.04 -42.55
C GLU A 129 -8.36 4.77 -43.24
N ASP A 130 -9.11 4.07 -44.08
CA ASP A 130 -10.21 4.70 -44.79
C ASP A 130 -11.37 4.99 -43.85
N LEU A 131 -11.31 4.41 -42.65
CA LEU A 131 -12.36 4.56 -41.65
C LEU A 131 -13.70 4.05 -42.20
N SER A 132 -13.62 3.05 -43.08
CA SER A 132 -14.81 2.51 -43.72
C SER A 132 -14.77 0.99 -43.74
N SER A 133 -13.59 0.42 -43.51
CA SER A 133 -13.42 -1.02 -43.58
C SER A 133 -12.65 -1.55 -42.37
N TRP A 134 -12.64 -2.88 -42.24
CA TRP A 134 -12.01 -3.52 -41.10
C TRP A 134 -10.98 -4.55 -41.53
N THR A 135 -9.97 -4.75 -40.68
CA THR A 135 -9.06 -5.88 -40.80
C THR A 135 -9.32 -6.83 -39.64
N ALA A 136 -9.75 -8.05 -39.97
CA ALA A 136 -9.96 -9.08 -38.96
C ALA A 136 -8.80 -10.06 -38.99
N ALA A 137 -8.24 -10.35 -37.82
CA ALA A 137 -7.02 -11.16 -37.70
C ALA A 137 -7.29 -12.66 -37.63
N ASP A 138 -8.53 -13.05 -37.35
CA ASP A 138 -8.88 -14.46 -37.33
C ASP A 138 -10.38 -14.63 -37.60
N THR A 139 -10.86 -15.87 -37.53
CA THR A 139 -12.24 -16.17 -37.86
C THR A 139 -13.20 -15.62 -36.79
N ALA A 140 -12.77 -15.60 -35.54
CA ALA A 140 -13.59 -14.99 -34.50
C ALA A 140 -13.82 -13.52 -34.79
N ALA A 141 -12.77 -12.81 -35.20
CA ALA A 141 -12.90 -11.42 -35.54
C ALA A 141 -13.67 -11.21 -36.84
N GLN A 142 -13.66 -12.22 -37.70
CA GLN A 142 -14.43 -12.15 -38.94
C GLN A 142 -15.93 -12.11 -38.66
N ILE A 143 -16.35 -12.82 -37.61
CA ILE A 143 -17.73 -12.73 -37.13
C ILE A 143 -18.07 -11.31 -36.70
N THR A 144 -17.20 -10.75 -35.85
CA THR A 144 -17.34 -9.36 -35.43
C THR A 144 -17.41 -8.44 -36.65
N GLN A 145 -16.54 -8.69 -37.63
CA GLN A 145 -16.49 -7.84 -38.83
C GLN A 145 -17.84 -7.77 -39.58
N ARG A 146 -18.49 -8.91 -39.78
CA ARG A 146 -19.78 -8.92 -40.45
CA ARG A 146 -19.77 -8.92 -40.46
C ARG A 146 -20.85 -8.21 -39.64
N LYS A 147 -20.87 -8.44 -38.33
CA LYS A 147 -21.81 -7.76 -37.45
C LYS A 147 -21.67 -6.25 -37.51
N TRP A 148 -20.43 -5.78 -37.67
CA TRP A 148 -20.15 -4.34 -37.61
C TRP A 148 -20.48 -3.66 -38.94
N GLU A 149 -20.31 -4.38 -40.03
CA GLU A 149 -20.72 -3.87 -41.32
C GLU A 149 -22.24 -3.74 -41.38
N ALA A 150 -22.93 -4.75 -40.87
CA ALA A 150 -24.39 -4.73 -40.83
C ALA A 150 -24.92 -3.61 -39.94
N ALA A 151 -24.14 -3.22 -38.92
CA ALA A 151 -24.62 -2.23 -37.97
C ALA A 151 -24.00 -0.85 -38.19
N ARG A 152 -23.27 -0.69 -39.28
CA ARG A 152 -22.70 0.61 -39.67
C ARG A 152 -21.75 1.15 -38.61
N VAL A 153 -21.00 0.25 -37.98
CA VAL A 153 -20.15 0.62 -36.85
C VAL A 153 -19.01 1.52 -37.29
N ALA A 154 -18.39 1.22 -38.42
CA ALA A 154 -17.30 2.04 -38.94
C ALA A 154 -17.78 3.48 -39.20
N GLU A 155 -19.01 3.59 -39.67
CA GLU A 155 -19.59 4.90 -39.95
C GLU A 155 -19.75 5.69 -38.66
N GLN A 156 -20.18 5.00 -37.61
CA GLN A 156 -20.29 5.63 -36.30
C GLN A 156 -18.93 6.07 -35.75
N LEU A 157 -17.92 5.19 -35.84
CA LEU A 157 -16.57 5.54 -35.41
C LEU A 157 -16.06 6.75 -36.18
N ARG A 158 -16.22 6.68 -37.51
CA ARG A 158 -15.74 7.73 -38.38
C ARG A 158 -16.30 9.08 -37.97
N ALA A 159 -17.55 9.09 -37.51
CA ALA A 159 -18.21 10.33 -37.17
C ALA A 159 -17.63 10.90 -35.88
N TYR A 160 -17.23 10.00 -34.97
CA TYR A 160 -16.56 10.42 -33.77
C TYR A 160 -15.17 10.94 -34.10
N LEU A 161 -14.44 10.15 -34.87
CA LEU A 161 -13.04 10.43 -35.11
C LEU A 161 -12.84 11.70 -35.92
N GLU A 162 -13.70 11.90 -36.92
CA GLU A 162 -13.66 13.13 -37.72
C GLU A 162 -14.24 14.29 -36.95
N GLY A 163 -15.06 14.00 -35.95
CA GLY A 163 -15.79 15.04 -35.25
C GLY A 163 -15.28 15.41 -33.87
N LEU A 164 -15.99 14.96 -32.84
CA LEU A 164 -15.62 15.25 -31.45
C LEU A 164 -14.16 14.97 -31.11
N CYS A 165 -13.56 13.93 -31.68
CA CYS A 165 -12.18 13.59 -31.33
C CYS A 165 -11.27 14.76 -31.68
N VAL A 166 -11.31 15.15 -32.94
CA VAL A 166 -10.55 16.29 -33.44
C VAL A 166 -10.83 17.57 -32.67
N GLU A 167 -12.11 17.85 -32.41
CA GLU A 167 -12.51 19.08 -31.73
C GLU A 167 -12.06 19.12 -30.27
N TRP A 168 -12.15 18.01 -29.56
CA TRP A 168 -11.76 18.06 -28.16
C TRP A 168 -10.25 18.05 -28.04
N LEU A 169 -9.57 17.40 -28.99
CA LEU A 169 -8.11 17.43 -28.99
C LEU A 169 -7.66 18.88 -29.13
N ARG A 170 -8.33 19.62 -30.01
CA ARG A 170 -7.99 21.01 -30.23
C ARG A 170 -8.16 21.82 -28.96
N ARG A 171 -9.29 21.61 -28.27
CA ARG A 171 -9.52 22.24 -26.98
C ARG A 171 -8.42 21.96 -25.97
N TYR A 172 -8.09 20.69 -25.77
CA TYR A 172 -7.08 20.31 -24.78
C TYR A 172 -5.74 20.98 -25.06
N LEU A 173 -5.33 20.95 -26.33
CA LEU A 173 -4.07 21.53 -26.76
C LEU A 173 -4.01 23.05 -26.47
N GLU A 174 -5.14 23.74 -26.63
CA GLU A 174 -5.19 25.14 -26.24
C GLU A 174 -5.11 25.30 -24.72
N ASN A 175 -5.95 24.58 -23.99
CA ASN A 175 -5.95 24.70 -22.54
C ASN A 175 -4.62 24.35 -21.88
N GLY A 176 -3.90 23.38 -22.46
CA GLY A 176 -2.61 22.94 -21.94
C GLY A 176 -1.45 23.30 -22.83
N LYS A 177 -1.58 24.43 -23.53
CA LYS A 177 -0.57 24.89 -24.48
C LYS A 177 0.82 25.07 -23.86
N GLU A 178 0.86 25.55 -22.62
CA GLU A 178 2.13 25.85 -21.98
C GLU A 178 3.01 24.60 -21.84
N THR A 179 2.37 23.44 -21.71
CA THR A 179 3.13 22.19 -21.55
C THR A 179 3.08 21.30 -22.79
N LEU A 180 1.90 21.18 -23.42
CA LEU A 180 1.74 20.24 -24.52
C LEU A 180 2.37 20.70 -25.83
N GLN A 181 2.48 22.02 -26.02
CA GLN A 181 3.06 22.58 -27.23
C GLN A 181 4.41 23.22 -26.95
N ARG A 182 5.09 22.69 -25.93
CA ARG A 182 6.45 23.10 -25.60
C ARG A 182 7.28 21.84 -25.45
N ALA A 183 8.27 21.66 -26.31
CA ALA A 183 9.18 20.54 -26.17
C ALA A 183 10.20 20.85 -25.07
N ASP A 184 10.47 19.87 -24.21
CA ASP A 184 11.50 20.04 -23.20
C ASP A 184 12.74 19.27 -23.64
N PRO A 185 13.81 19.99 -23.98
CA PRO A 185 15.01 19.31 -24.47
C PRO A 185 15.65 18.48 -23.37
N PRO A 186 16.33 17.41 -23.73
CA PRO A 186 17.02 16.60 -22.71
C PRO A 186 18.17 17.34 -22.05
N LYS A 187 18.39 17.11 -20.77
CA LYS A 187 19.66 17.45 -20.14
C LYS A 187 20.57 16.27 -20.36
N THR A 188 21.76 16.51 -20.89
CA THR A 188 22.62 15.43 -21.35
C THR A 188 23.98 15.46 -20.67
N HIS A 189 24.56 14.29 -20.44
CA HIS A 189 25.95 14.19 -19.97
C HIS A 189 26.48 12.78 -20.16
N VAL A 190 27.80 12.66 -20.18
CA VAL A 190 28.46 11.36 -20.33
C VAL A 190 29.17 10.98 -19.04
N THR A 191 28.95 9.74 -18.60
CA THR A 191 29.65 9.22 -17.43
C THR A 191 30.66 8.15 -17.85
N HIS A 192 31.64 7.93 -16.98
CA HIS A 192 32.76 7.04 -17.26
C HIS A 192 32.90 6.07 -16.09
N HIS A 193 32.87 4.77 -16.37
CA HIS A 193 32.98 3.78 -15.29
C HIS A 193 33.96 2.68 -15.67
N PRO A 194 35.15 2.68 -15.04
CA PRO A 194 36.13 1.61 -15.23
C PRO A 194 35.61 0.24 -14.81
N ILE A 195 35.82 -0.76 -15.65
CA ILE A 195 35.35 -2.12 -15.34
C ILE A 195 36.54 -3.08 -15.23
N SER A 196 37.73 -2.57 -15.55
CA SER A 196 38.99 -3.29 -15.38
C SER A 196 40.10 -2.29 -15.66
N ASP A 197 41.34 -2.76 -15.77
CA ASP A 197 42.45 -1.86 -16.10
C ASP A 197 42.53 -1.61 -17.60
N HIS A 198 41.68 -2.29 -18.35
CA HIS A 198 41.76 -2.28 -19.80
C HIS A 198 40.51 -1.74 -20.49
N GLU A 199 39.39 -1.76 -19.77
CA GLU A 199 38.12 -1.31 -20.35
C GLU A 199 37.34 -0.41 -19.41
N ALA A 200 36.44 0.37 -20.00
CA ALA A 200 35.54 1.22 -19.21
C ALA A 200 34.23 1.38 -19.96
N THR A 201 33.18 1.72 -19.22
CA THR A 201 31.89 2.00 -19.84
C THR A 201 31.73 3.49 -20.02
N LEU A 202 31.32 3.89 -21.23
CA LEU A 202 30.89 5.25 -21.50
C LEU A 202 29.37 5.24 -21.64
N ARG A 203 28.68 5.96 -20.76
CA ARG A 203 27.22 6.00 -20.78
C ARG A 203 26.73 7.41 -21.09
N CYS A 204 26.04 7.55 -22.22
CA CYS A 204 25.46 8.85 -22.61
C CYS A 204 24.02 8.99 -22.09
N TRP A 205 23.78 10.00 -21.24
CA TRP A 205 22.48 10.22 -20.60
C TRP A 205 21.63 11.30 -21.28
N ALA A 206 20.33 11.08 -21.32
CA ALA A 206 19.34 12.10 -21.70
C ALA A 206 18.23 12.10 -20.66
N LEU A 207 18.08 13.22 -19.96
CA LEU A 207 17.14 13.27 -18.84
C LEU A 207 16.19 14.46 -18.94
N GLY A 208 14.95 14.28 -18.46
CA GLY A 208 14.02 15.39 -18.34
C GLY A 208 13.44 15.88 -19.66
N PHE A 209 13.42 15.01 -20.67
CA PHE A 209 12.93 15.47 -21.97
C PHE A 209 11.44 15.12 -22.19
N TYR A 210 10.83 15.90 -23.08
CA TYR A 210 9.46 15.68 -23.54
C TYR A 210 9.34 16.30 -24.93
N PRO A 211 8.73 15.59 -25.88
CA PRO A 211 8.08 14.28 -25.74
C PRO A 211 9.07 13.10 -25.69
N ALA A 212 8.56 11.87 -25.70
CA ALA A 212 9.37 10.68 -25.47
C ALA A 212 10.31 10.33 -26.61
N GLU A 213 9.95 10.74 -27.84
CA GLU A 213 10.74 10.39 -29.02
C GLU A 213 12.16 10.98 -28.92
N ILE A 214 13.16 10.15 -29.13
CA ILE A 214 14.55 10.59 -29.03
C ILE A 214 15.47 9.61 -29.76
N THR A 215 16.60 10.11 -30.26
CA THR A 215 17.64 9.20 -30.71
C THR A 215 18.96 9.47 -30.00
N LEU A 216 19.53 8.39 -29.45
CA LEU A 216 20.86 8.37 -28.86
C LEU A 216 21.69 7.34 -29.61
N THR A 217 22.86 7.75 -30.06
CA THR A 217 23.76 6.84 -30.75
C THR A 217 25.21 7.10 -30.36
N TRP A 218 26.02 6.04 -30.38
CA TRP A 218 27.44 6.16 -30.11
C TRP A 218 28.21 5.97 -31.40
N GLN A 219 29.19 6.84 -31.63
CA GLN A 219 30.09 6.64 -32.76
C GLN A 219 31.51 6.44 -32.30
N ARG A 220 32.26 5.62 -33.03
CA ARG A 220 33.70 5.49 -32.84
C ARG A 220 34.41 5.88 -34.13
N ASP A 221 35.26 6.91 -34.05
CA ASP A 221 35.91 7.49 -35.23
C ASP A 221 34.83 7.88 -36.24
N GLY A 222 33.79 8.55 -35.76
CA GLY A 222 32.69 8.97 -36.62
C GLY A 222 31.86 7.85 -37.26
N GLU A 223 32.00 6.62 -36.78
CA GLU A 223 31.29 5.48 -37.35
C GLU A 223 30.33 4.79 -36.38
N ASP A 224 29.16 4.38 -36.89
CA ASP A 224 28.09 3.85 -36.05
C ASP A 224 28.43 2.56 -35.32
N GLN A 225 28.20 2.56 -34.01
CA GLN A 225 28.52 1.45 -33.15
C GLN A 225 27.28 0.64 -32.76
N THR A 226 26.30 0.61 -33.65
CA THR A 226 24.98 0.08 -33.32
C THR A 226 25.02 -1.37 -32.81
N GLN A 227 25.91 -2.17 -33.38
CA GLN A 227 26.04 -3.56 -32.96
C GLN A 227 26.56 -3.68 -31.53
N ASP A 228 27.24 -2.65 -31.04
CA ASP A 228 27.93 -2.72 -29.76
C ASP A 228 27.36 -1.81 -28.66
N THR A 229 26.29 -1.09 -28.98
CA THR A 229 25.70 -0.14 -28.02
C THR A 229 24.63 -0.78 -27.14
N GLU A 230 24.74 -0.56 -25.83
CA GLU A 230 23.66 -0.94 -24.93
C GLU A 230 22.65 0.20 -24.83
N LEU A 231 21.49 0.01 -25.44
CA LEU A 231 20.40 1.01 -25.43
C LEU A 231 19.30 0.58 -24.47
N VAL A 232 18.94 1.40 -23.49
CA VAL A 232 17.79 1.06 -22.65
C VAL A 232 16.52 1.67 -23.23
N GLU A 233 15.40 1.02 -22.96
CA GLU A 233 14.09 1.51 -23.34
C GLU A 233 13.87 2.84 -22.67
N THR A 234 13.36 3.80 -23.45
CA THR A 234 12.96 5.10 -22.92
C THR A 234 11.98 4.87 -21.77
N ARG A 235 12.16 5.62 -20.68
CA ARG A 235 11.47 5.32 -19.44
C ARG A 235 10.93 6.60 -18.80
N PRO A 236 9.80 6.49 -18.09
CA PRO A 236 9.23 7.69 -17.48
C PRO A 236 9.97 8.08 -16.22
N ALA A 237 10.19 9.38 -16.04
CA ALA A 237 10.88 9.87 -14.86
C ALA A 237 9.91 9.95 -13.69
N GLY A 238 8.62 10.10 -14.02
CA GLY A 238 7.58 10.15 -13.00
C GLY A 238 7.02 11.55 -12.83
N ASP A 239 7.64 12.51 -13.53
CA ASP A 239 7.17 13.88 -13.51
C ASP A 239 6.66 14.33 -14.89
N ARG A 240 6.23 13.36 -15.70
CA ARG A 240 5.74 13.54 -17.07
C ARG A 240 6.85 13.74 -18.12
N THR A 241 8.11 13.73 -17.69
CA THR A 241 9.25 13.74 -18.61
C THR A 241 9.87 12.35 -18.72
N PHE A 242 10.81 12.17 -19.64
CA PHE A 242 11.35 10.84 -19.90
C PHE A 242 12.87 10.79 -19.73
N GLN A 243 13.40 9.57 -19.72
CA GLN A 243 14.83 9.31 -19.60
C GLN A 243 15.27 8.24 -20.57
N LYS A 244 16.51 8.33 -21.00
CA LYS A 244 17.13 7.27 -21.80
C LYS A 244 18.65 7.34 -21.64
N TRP A 245 19.31 6.18 -21.74
CA TRP A 245 20.75 6.23 -21.90
C TRP A 245 21.23 5.17 -22.86
N ALA A 246 22.45 5.40 -23.32
CA ALA A 246 23.12 4.53 -24.27
C ALA A 246 24.54 4.35 -23.81
N ALA A 247 25.06 3.14 -23.86
CA ALA A 247 26.39 2.88 -23.32
C ALA A 247 27.23 1.99 -24.23
N VAL A 248 28.54 2.25 -24.18
CA VAL A 248 29.50 1.46 -24.94
C VAL A 248 30.70 1.14 -24.06
N VAL A 249 31.28 -0.04 -24.27
CA VAL A 249 32.47 -0.48 -23.55
C VAL A 249 33.68 -0.22 -24.42
N VAL A 250 34.62 0.57 -23.91
CA VAL A 250 35.76 1.06 -24.70
C VAL A 250 37.10 0.71 -24.05
N PRO A 251 38.15 0.56 -24.87
CA PRO A 251 39.47 0.36 -24.25
C PRO A 251 39.85 1.57 -23.41
N SER A 252 40.30 1.34 -22.18
CA SER A 252 40.84 2.40 -21.34
C SER A 252 41.84 3.22 -22.15
N GLY A 253 41.70 4.54 -22.10
CA GLY A 253 42.58 5.43 -22.84
C GLY A 253 42.09 5.90 -24.20
N GLU A 254 41.11 5.21 -24.77
CA GLU A 254 40.62 5.56 -26.12
C GLU A 254 39.26 6.27 -26.11
N GLU A 255 38.90 6.87 -24.98
CA GLU A 255 37.59 7.50 -24.83
C GLU A 255 37.32 8.61 -25.85
N GLN A 256 38.37 9.30 -26.30
CA GLN A 256 38.16 10.41 -27.22
C GLN A 256 37.81 9.96 -28.63
N ARG A 257 37.86 8.66 -28.88
CA ARG A 257 37.42 8.14 -30.17
C ARG A 257 35.90 8.04 -30.24
N TYR A 258 35.25 8.22 -29.10
CA TYR A 258 33.81 7.96 -29.00
C TYR A 258 33.01 9.25 -28.80
N THR A 259 31.93 9.37 -29.56
CA THR A 259 31.05 10.53 -29.47
C THR A 259 29.62 10.07 -29.31
N CYS A 260 28.86 10.74 -28.45
CA CYS A 260 27.46 10.42 -28.30
C CYS A 260 26.62 11.46 -29.01
N HIS A 261 25.67 11.01 -29.80
CA HIS A 261 24.86 11.90 -30.63
C HIS A 261 23.41 11.84 -30.17
N VAL A 262 22.83 13.01 -29.98
CA VAL A 262 21.51 13.15 -29.39
C VAL A 262 20.60 13.93 -30.34
N GLN A 263 19.53 13.30 -30.80
CA GLN A 263 18.50 14.01 -31.58
C GLN A 263 17.19 14.07 -30.78
N HIS A 264 16.69 15.29 -30.59
CA HIS A 264 15.40 15.48 -29.94
C HIS A 264 14.75 16.76 -30.47
N GLU A 265 13.42 16.76 -30.52
CA GLU A 265 12.64 17.86 -31.07
C GLU A 265 12.90 19.20 -30.34
N GLY A 266 13.12 19.15 -29.04
CA GLY A 266 13.38 20.35 -28.27
C GLY A 266 14.78 20.91 -28.49
N LEU A 267 15.58 20.18 -29.27
CA LEU A 267 16.95 20.59 -29.56
C LEU A 267 17.00 21.35 -30.88
N PRO A 268 17.47 22.61 -30.84
CA PRO A 268 17.67 23.41 -32.05
C PRO A 268 18.59 22.69 -33.06
N LYS A 269 19.66 22.09 -32.54
CA LYS A 269 20.57 21.29 -33.35
C LYS A 269 20.90 19.99 -32.62
N PRO A 270 21.14 18.90 -33.37
CA PRO A 270 21.61 17.66 -32.74
C PRO A 270 22.84 17.93 -31.89
N LEU A 271 23.00 17.18 -30.81
CA LEU A 271 24.14 17.36 -29.93
C LEU A 271 25.21 16.31 -30.23
N THR A 272 26.46 16.72 -30.08
CA THR A 272 27.56 15.79 -30.12
C THR A 272 28.29 15.91 -28.80
N LEU A 273 28.34 14.83 -28.04
CA LEU A 273 28.98 14.85 -26.74
C LEU A 273 30.14 13.88 -26.70
N ARG A 274 31.09 14.16 -25.82
CA ARG A 274 32.17 13.21 -25.55
C ARG A 274 32.52 13.34 -24.08
N TRP A 275 33.06 12.27 -23.51
CA TRP A 275 33.41 12.31 -22.10
C TRP A 275 34.63 13.20 -21.92
N ILE B 1 -1.54 -14.85 -25.54
CA ILE B 1 -0.07 -14.96 -25.57
C ILE B 1 0.50 -14.36 -24.29
N GLN B 2 1.69 -14.78 -23.88
CA GLN B 2 2.27 -14.16 -22.70
C GLN B 2 3.72 -13.73 -22.89
N ARG B 3 4.08 -12.63 -22.23
CA ARG B 3 5.38 -11.99 -22.41
C ARG B 3 5.96 -11.61 -21.06
N THR B 4 7.26 -11.76 -20.91
CA THR B 4 7.88 -11.55 -19.61
C THR B 4 8.27 -10.07 -19.43
N PRO B 5 8.11 -9.56 -18.22
CA PRO B 5 8.37 -8.13 -18.04
C PRO B 5 9.84 -7.76 -18.11
N LYS B 6 10.11 -6.66 -18.80
CA LYS B 6 11.38 -5.93 -18.69
C LYS B 6 11.33 -5.10 -17.42
N ILE B 7 12.48 -4.91 -16.78
CA ILE B 7 12.53 -4.18 -15.53
C ILE B 7 13.67 -3.17 -15.52
N GLN B 8 13.36 -1.91 -15.21
CA GLN B 8 14.38 -0.90 -14.92
C GLN B 8 14.11 -0.27 -13.57
N VAL B 9 15.15 -0.19 -12.74
CA VAL B 9 15.12 0.48 -11.45
C VAL B 9 16.01 1.71 -11.50
N TYR B 10 15.51 2.86 -11.05
CA TYR B 10 16.23 4.10 -11.26
C TYR B 10 15.59 5.24 -10.46
N SER B 11 16.30 6.36 -10.36
CA SER B 11 15.78 7.51 -9.63
C SER B 11 15.22 8.58 -10.57
N ARG B 12 14.23 9.33 -10.09
CA ARG B 12 13.63 10.41 -10.88
C ARG B 12 14.67 11.47 -11.25
N HIS B 13 15.47 11.86 -10.27
CA HIS B 13 16.55 12.84 -10.45
C HIS B 13 17.88 12.16 -10.15
N PRO B 14 18.99 12.73 -10.62
CA PRO B 14 20.30 12.14 -10.28
C PRO B 14 20.46 12.04 -8.77
N ALA B 15 20.98 10.89 -8.32
CA ALA B 15 21.05 10.64 -6.89
C ALA B 15 22.12 11.51 -6.24
N GLU B 16 21.75 12.15 -5.14
CA GLU B 16 22.69 12.85 -4.29
C GLU B 16 22.36 12.46 -2.87
N ASN B 17 23.30 11.78 -2.22
CA ASN B 17 23.12 11.32 -0.86
C ASN B 17 22.57 12.42 0.05
N GLY B 18 21.62 12.06 0.91
CA GLY B 18 21.03 13.01 1.83
C GLY B 18 19.95 13.90 1.24
N LYS B 19 19.77 13.83 -0.07
CA LYS B 19 18.78 14.66 -0.75
C LYS B 19 17.56 13.83 -1.21
N SER B 20 16.36 14.34 -0.96
CA SER B 20 15.14 13.57 -1.24
C SER B 20 14.90 13.42 -2.74
N ASN B 21 14.26 12.31 -3.10
CA ASN B 21 14.19 11.89 -4.49
C ASN B 21 13.02 10.91 -4.65
N PHE B 22 12.90 10.30 -5.83
CA PHE B 22 11.93 9.22 -6.03
C PHE B 22 12.61 8.00 -6.62
N LEU B 23 12.32 6.84 -6.04
CA LEU B 23 12.80 5.56 -6.55
C LEU B 23 11.74 4.93 -7.46
N ASN B 24 12.15 4.64 -8.69
CA ASN B 24 11.23 4.13 -9.71
C ASN B 24 11.56 2.70 -10.07
N CYS B 25 10.52 1.89 -10.25
CA CYS B 25 10.67 0.60 -10.90
C CYS B 25 9.68 0.53 -12.06
N TYR B 26 10.25 0.53 -13.26
CA TYR B 26 9.47 0.55 -14.49
C TYR B 26 9.41 -0.84 -15.06
N VAL B 27 8.21 -1.42 -15.10
CA VAL B 27 8.01 -2.75 -15.69
C VAL B 27 7.24 -2.56 -16.98
N SER B 28 7.68 -3.25 -18.03
CA SER B 28 7.08 -3.07 -19.34
C SER B 28 7.19 -4.35 -20.16
N GLY B 29 6.55 -4.36 -21.31
CA GLY B 29 6.65 -5.49 -22.22
C GLY B 29 5.97 -6.77 -21.74
N PHE B 30 5.12 -6.70 -20.72
CA PHE B 30 4.56 -7.93 -20.18
C PHE B 30 3.11 -8.18 -20.53
N HIS B 31 2.72 -9.45 -20.43
CA HIS B 31 1.36 -9.87 -20.76
C HIS B 31 1.22 -11.27 -20.18
N PRO B 32 0.13 -11.53 -19.44
CA PRO B 32 -1.01 -10.68 -19.10
C PRO B 32 -0.69 -9.60 -18.07
N SER B 33 -1.72 -8.90 -17.62
CA SER B 33 -1.53 -7.64 -16.91
C SER B 33 -1.30 -7.79 -15.41
N ASP B 34 -1.72 -8.91 -14.82
CA ASP B 34 -1.45 -9.12 -13.40
C ASP B 34 0.06 -9.16 -13.15
N ILE B 35 0.51 -8.41 -12.17
CA ILE B 35 1.92 -8.39 -11.87
C ILE B 35 2.09 -7.94 -10.42
N GLU B 36 3.14 -8.45 -9.78
CA GLU B 36 3.48 -8.08 -8.42
C GLU B 36 4.80 -7.35 -8.40
N VAL B 37 4.79 -6.12 -7.90
CA VAL B 37 6.00 -5.30 -7.89
C VAL B 37 6.27 -4.72 -6.51
N ASP B 38 7.43 -5.04 -5.94
CA ASP B 38 7.82 -4.46 -4.68
C ASP B 38 9.12 -3.68 -4.82
N LEU B 39 9.19 -2.54 -4.14
CA LEU B 39 10.44 -1.83 -3.98
C LEU B 39 11.03 -2.28 -2.65
N LEU B 40 12.33 -2.57 -2.62
CA LEU B 40 13.01 -3.03 -1.40
C LEU B 40 14.04 -2.03 -0.89
N LYS B 41 14.13 -1.91 0.42
CA LYS B 41 15.19 -1.14 1.07
C LYS B 41 16.02 -2.13 1.87
N ASN B 42 17.27 -2.35 1.47
CA ASN B 42 18.11 -3.32 2.15
C ASN B 42 17.37 -4.65 2.36
N GLY B 43 16.67 -5.11 1.32
CA GLY B 43 16.06 -6.42 1.29
C GLY B 43 14.63 -6.45 1.82
N GLU B 44 14.20 -5.36 2.43
CA GLU B 44 12.89 -5.29 3.08
C GLU B 44 11.87 -4.48 2.25
N ARG B 45 10.69 -5.08 2.07
CA ARG B 45 9.59 -4.44 1.32
C ARG B 45 9.25 -3.03 1.82
N ILE B 46 9.26 -2.05 0.92
CA ILE B 46 8.83 -0.71 1.27
C ILE B 46 7.30 -0.62 1.19
N GLU B 47 6.67 -0.09 2.25
CA GLU B 47 5.23 -0.21 2.38
C GLU B 47 4.43 0.70 1.46
N LYS B 48 4.69 1.99 1.45
CA LYS B 48 3.80 2.84 0.68
C LYS B 48 4.43 3.13 -0.67
N VAL B 49 4.10 2.28 -1.63
CA VAL B 49 4.58 2.43 -2.99
C VAL B 49 3.38 2.63 -3.87
N GLU B 50 3.46 3.61 -4.75
CA GLU B 50 2.37 3.89 -5.65
C GLU B 50 2.68 3.44 -7.06
N HIS B 51 1.67 3.38 -7.92
CA HIS B 51 1.95 3.04 -9.30
C HIS B 51 1.07 3.84 -10.28
N SER B 52 1.54 3.91 -11.52
CA SER B 52 0.80 4.56 -12.57
C SER B 52 -0.40 3.70 -12.96
N ASP B 53 -1.25 4.27 -13.80
CA ASP B 53 -2.42 3.59 -14.31
C ASP B 53 -2.01 2.67 -15.44
N LEU B 54 -2.59 1.48 -15.48
CA LEU B 54 -2.26 0.50 -16.50
C LEU B 54 -2.46 1.03 -17.92
N SER B 55 -1.39 0.99 -18.71
CA SER B 55 -1.56 1.24 -20.14
C SER B 55 -0.76 0.21 -20.93
N PHE B 56 -0.78 0.34 -22.24
CA PHE B 56 -0.06 -0.64 -23.06
C PHE B 56 0.55 0.01 -24.27
N SER B 57 1.48 -0.72 -24.88
CA SER B 57 2.25 -0.26 -26.02
C SER B 57 1.65 -0.76 -27.33
N LYS B 58 2.27 -0.37 -28.44
CA LYS B 58 1.75 -0.70 -29.76
C LYS B 58 1.56 -2.21 -29.96
N ASP B 59 2.42 -3.01 -29.32
CA ASP B 59 2.37 -4.46 -29.53
C ASP B 59 1.46 -5.12 -28.48
N TRP B 60 0.66 -4.30 -27.80
CA TRP B 60 -0.31 -4.72 -26.77
C TRP B 60 0.33 -5.08 -25.41
N SER B 61 1.65 -5.00 -25.29
CA SER B 61 2.24 -5.39 -24.00
C SER B 61 2.06 -4.24 -23.00
N PHE B 62 1.89 -4.60 -21.73
CA PHE B 62 1.58 -3.62 -20.69
C PHE B 62 2.82 -2.95 -20.10
N TYR B 63 2.62 -1.77 -19.53
CA TYR B 63 3.68 -1.14 -18.74
C TYR B 63 3.10 -0.40 -17.55
N LEU B 64 3.87 -0.39 -16.47
CA LEU B 64 3.55 0.29 -15.23
C LEU B 64 4.83 0.91 -14.65
N LEU B 65 4.66 2.07 -14.01
CA LEU B 65 5.67 2.70 -13.18
C LEU B 65 5.31 2.60 -11.71
N TYR B 66 6.17 1.96 -10.93
CA TYR B 66 6.01 1.93 -9.48
C TYR B 66 7.00 2.91 -8.86
N TYR B 67 6.62 3.58 -7.78
CA TYR B 67 7.48 4.63 -7.26
C TYR B 67 7.20 5.02 -5.81
N THR B 68 8.21 5.60 -5.17
CA THR B 68 8.07 6.08 -3.80
C THR B 68 9.15 7.08 -3.48
N GLU B 69 8.89 7.91 -2.50
CA GLU B 69 9.89 8.85 -2.01
C GLU B 69 11.01 8.10 -1.27
N PHE B 70 12.26 8.45 -1.58
CA PHE B 70 13.40 7.96 -0.81
C PHE B 70 14.47 9.04 -0.71
N THR B 71 15.26 8.95 0.34
CA THR B 71 16.44 9.80 0.49
C THR B 71 17.64 8.89 0.46
N PRO B 72 18.34 8.85 -0.69
CA PRO B 72 19.47 7.93 -0.85
C PRO B 72 20.61 8.26 0.11
N THR B 73 21.31 7.23 0.57
CA THR B 73 22.52 7.38 1.38
C THR B 73 23.63 6.54 0.76
N GLU B 74 24.84 6.66 1.29
CA GLU B 74 25.95 5.87 0.76
C GLU B 74 25.71 4.37 0.96
N LYS B 75 25.16 3.99 2.10
CA LYS B 75 25.15 2.58 2.47
C LYS B 75 23.84 1.85 2.23
N ASP B 76 22.74 2.57 2.06
CA ASP B 76 21.44 1.93 1.82
C ASP B 76 21.34 1.37 0.40
N GLU B 77 20.94 0.11 0.32
CA GLU B 77 20.72 -0.56 -0.96
C GLU B 77 19.23 -0.65 -1.25
N TYR B 78 18.87 -0.43 -2.52
CA TYR B 78 17.48 -0.57 -2.94
C TYR B 78 17.38 -1.53 -4.10
N ALA B 79 16.20 -2.11 -4.28
CA ALA B 79 15.96 -3.07 -5.35
C ALA B 79 14.49 -3.06 -5.72
N CYS B 80 14.18 -3.62 -6.89
CA CYS B 80 12.80 -3.86 -7.30
C CYS B 80 12.59 -5.35 -7.43
N ARG B 81 11.51 -5.86 -6.85
CA ARG B 81 11.24 -7.29 -6.87
C ARG B 81 9.95 -7.54 -7.61
N VAL B 82 10.04 -8.30 -8.70
CA VAL B 82 8.92 -8.47 -9.59
C VAL B 82 8.57 -9.95 -9.73
N ASN B 83 7.27 -10.25 -9.65
CA ASN B 83 6.79 -11.57 -10.01
C ASN B 83 5.67 -11.42 -11.02
N HIS B 84 5.59 -12.40 -11.91
CA HIS B 84 4.66 -12.40 -13.03
C HIS B 84 4.45 -13.88 -13.36
N VAL B 85 3.36 -14.22 -14.03
CA VAL B 85 3.08 -15.61 -14.34
C VAL B 85 4.19 -16.23 -15.23
N THR B 86 4.89 -15.40 -16.01
CA THR B 86 5.96 -15.90 -16.87
C THR B 86 7.26 -16.19 -16.11
N LEU B 87 7.28 -15.87 -14.82
CA LEU B 87 8.50 -16.04 -14.01
C LEU B 87 8.32 -17.18 -13.03
N SER B 88 9.33 -18.04 -12.93
CA SER B 88 9.28 -19.19 -12.01
C SER B 88 9.41 -18.75 -10.56
N GLN B 89 10.14 -17.65 -10.36
CA GLN B 89 10.33 -17.11 -9.03
C GLN B 89 10.54 -15.61 -9.17
N PRO B 90 10.30 -14.85 -8.10
CA PRO B 90 10.44 -13.39 -8.21
C PRO B 90 11.81 -12.98 -8.75
N LYS B 91 11.84 -11.96 -9.60
CA LYS B 91 13.10 -11.43 -10.12
C LYS B 91 13.49 -10.15 -9.39
N ILE B 92 14.70 -10.12 -8.85
CA ILE B 92 15.18 -8.95 -8.11
C ILE B 92 16.23 -8.21 -8.91
N VAL B 93 15.98 -6.92 -9.17
CA VAL B 93 16.94 -6.07 -9.85
C VAL B 93 17.40 -4.98 -8.88
N LYS B 94 18.70 -4.87 -8.66
CA LYS B 94 19.22 -3.89 -7.72
C LYS B 94 19.30 -2.52 -8.34
N TRP B 95 19.10 -1.51 -7.51
CA TRP B 95 19.29 -0.14 -7.93
C TRP B 95 20.77 0.16 -8.02
N ASP B 96 21.18 0.64 -9.19
CA ASP B 96 22.53 1.13 -9.45
C ASP B 96 22.37 2.60 -9.82
N ARG B 97 22.90 3.52 -9.03
CA ARG B 97 22.67 4.95 -9.30
C ARG B 97 23.32 5.42 -10.61
N ASP B 98 24.16 4.56 -11.20
CA ASP B 98 24.79 4.86 -12.48
C ASP B 98 24.00 4.29 -13.65
N MET B 99 22.78 3.84 -13.40
CA MET B 99 21.95 3.21 -14.44
C MET B 99 20.46 3.60 -14.42
N VAL C 1 -12.15 13.85 -25.11
CA VAL C 1 -13.34 13.22 -24.56
C VAL C 1 -13.49 11.84 -25.19
N THR C 2 -13.97 10.89 -24.41
CA THR C 2 -14.19 9.52 -24.89
C THR C 2 -15.42 9.44 -25.78
N THR C 3 -15.48 8.39 -26.58
CA THR C 3 -16.66 8.17 -27.41
C THR C 3 -17.73 7.46 -26.59
N ASP C 4 -18.99 7.83 -26.85
CA ASP C 4 -20.17 7.20 -26.25
C ASP C 4 -20.59 5.89 -26.92
N ILE C 5 -19.99 5.59 -28.06
CA ILE C 5 -20.47 4.47 -28.87
C ILE C 5 -20.34 3.17 -28.09
N GLN C 6 -21.43 2.40 -28.01
CA GLN C 6 -21.38 1.08 -27.37
C GLN C 6 -21.68 0.02 -28.42
N VAL C 7 -20.71 -0.87 -28.70
CA VAL C 7 -20.93 -1.95 -29.65
C VAL C 7 -20.59 -3.33 -29.08
N LYS C 8 -21.41 -4.31 -29.45
CA LYS C 8 -21.16 -5.72 -29.13
C LYS C 8 -20.30 -6.34 -30.22
N VAL C 9 -19.34 -7.16 -29.82
CA VAL C 9 -18.50 -7.84 -30.80
C VAL C 9 -19.24 -9.05 -31.33
N SER D 3 -6.19 5.79 38.85
CA SER D 3 -7.20 5.66 37.81
C SER D 3 -6.70 6.08 36.42
N HIS D 4 -5.38 6.26 36.26
CA HIS D 4 -4.80 6.49 34.92
C HIS D 4 -3.39 5.89 34.79
N SER D 5 -2.90 5.80 33.56
CA SER D 5 -1.58 5.23 33.32
C SER D 5 -0.94 5.82 32.06
N MET D 6 0.38 5.84 32.04
CA MET D 6 1.10 6.10 30.80
C MET D 6 1.98 4.89 30.55
N ARG D 7 2.05 4.46 29.29
CA ARG D 7 2.74 3.23 28.93
C ARG D 7 3.48 3.42 27.64
N TYR D 8 4.73 3.00 27.59
CA TYR D 8 5.46 2.95 26.35
C TYR D 8 5.78 1.50 26.02
N PHE D 9 5.67 1.17 24.74
CA PHE D 9 5.91 -0.18 24.26
C PHE D 9 6.96 -0.12 23.17
N TYR D 10 8.13 -0.69 23.46
CA TYR D 10 9.21 -0.74 22.47
C TYR D 10 9.35 -2.16 21.96
N THR D 11 9.50 -2.31 20.65
CA THR D 11 9.78 -3.61 20.02
C THR D 11 10.99 -3.46 19.12
N ALA D 12 12.01 -4.28 19.34
CA ALA D 12 13.19 -4.34 18.47
C ALA D 12 13.24 -5.72 17.81
N MET D 13 13.36 -5.74 16.48
CA MET D 13 13.25 -6.97 15.70
CA MET D 13 13.26 -6.98 15.72
C MET D 13 14.44 -7.15 14.75
N SER D 14 15.31 -8.11 15.02
CA SER D 14 16.40 -8.34 14.06
C SER D 14 15.86 -9.12 12.86
N ARG D 15 16.56 -9.04 11.74
CA ARG D 15 16.03 -9.55 10.47
C ARG D 15 17.16 -9.74 9.47
N PRO D 16 18.05 -10.73 9.73
CA PRO D 16 19.25 -10.92 8.91
C PRO D 16 18.91 -11.02 7.43
N GLY D 17 19.55 -10.21 6.59
CA GLY D 17 19.27 -10.16 5.16
C GLY D 17 18.24 -9.12 4.79
N ARG D 18 17.61 -8.53 5.80
CA ARG D 18 16.60 -7.51 5.54
C ARG D 18 16.92 -6.20 6.26
N GLY D 19 18.21 -5.97 6.51
CA GLY D 19 18.66 -4.73 7.12
C GLY D 19 18.97 -4.76 8.61
N GLU D 20 19.33 -3.61 9.15
CA GLU D 20 19.54 -3.46 10.59
C GLU D 20 18.23 -3.75 11.31
N PRO D 21 18.33 -4.12 12.59
CA PRO D 21 17.09 -4.41 13.31
C PRO D 21 16.14 -3.21 13.32
N ARG D 22 14.86 -3.51 13.17
CA ARG D 22 13.81 -2.50 13.18
C ARG D 22 13.41 -2.15 14.61
N PHE D 23 13.22 -0.87 14.88
CA PHE D 23 12.78 -0.41 16.19
C PHE D 23 11.45 0.33 16.06
N ILE D 24 10.47 -0.10 16.83
CA ILE D 24 9.15 0.54 16.86
C ILE D 24 8.80 0.87 18.31
N ALA D 25 8.35 2.11 18.52
CA ALA D 25 7.90 2.52 19.83
C ALA D 25 6.52 3.15 19.73
N VAL D 26 5.64 2.78 20.66
CA VAL D 26 4.36 3.47 20.75
C VAL D 26 4.11 3.90 22.19
N GLY D 27 3.41 5.00 22.36
CA GLY D 27 3.03 5.44 23.68
C GLY D 27 1.53 5.53 23.87
N TYR D 28 1.07 5.14 25.06
CA TYR D 28 -0.34 5.17 25.41
C TYR D 28 -0.58 6.02 26.67
N VAL D 29 -1.68 6.78 26.68
CA VAL D 29 -2.27 7.21 27.93
C VAL D 29 -3.59 6.45 28.09
N ASP D 30 -3.72 5.69 29.16
CA ASP D 30 -4.83 4.76 29.33
C ASP D 30 -4.98 3.90 28.07
N ASP D 31 -6.10 4.03 27.36
CA ASP D 31 -6.34 3.19 26.18
C ASP D 31 -6.17 3.97 24.88
N THR D 32 -5.54 5.12 24.97
CA THR D 32 -5.38 5.97 23.80
C THR D 32 -3.91 6.05 23.38
N GLN D 33 -3.61 5.59 22.17
CA GLN D 33 -2.26 5.80 21.64
C GLN D 33 -2.03 7.25 21.26
N PHE D 34 -0.89 7.83 21.67
CA PHE D 34 -0.67 9.24 21.38
C PHE D 34 0.63 9.55 20.64
N VAL D 35 1.60 8.65 20.69
CA VAL D 35 2.82 8.83 19.88
C VAL D 35 3.27 7.53 19.24
N ARG D 36 4.07 7.67 18.20
CA ARG D 36 4.68 6.51 17.56
C ARG D 36 6.06 6.86 17.02
N PHE D 37 6.91 5.84 16.93
CA PHE D 37 8.17 5.94 16.20
C PHE D 37 8.41 4.63 15.46
N ASP D 38 8.82 4.72 14.21
CA ASP D 38 9.16 3.55 13.42
C ASP D 38 10.47 3.82 12.71
N SER D 39 11.52 3.06 13.04
CA SER D 39 12.82 3.32 12.45
C SER D 39 12.83 3.05 10.95
N ASP D 40 11.85 2.33 10.43
CA ASP D 40 11.78 2.06 8.99
C ASP D 40 11.12 3.20 8.17
N ALA D 41 10.58 4.22 8.83
CA ALA D 41 9.97 5.34 8.11
C ALA D 41 10.96 6.01 7.14
N ALA D 42 10.46 6.60 6.07
CA ALA D 42 11.33 7.31 5.11
C ALA D 42 12.19 8.35 5.84
N SER D 43 11.59 9.06 6.79
CA SER D 43 12.36 9.84 7.74
C SER D 43 11.79 9.63 9.14
N PRO D 44 12.48 8.82 9.96
CA PRO D 44 11.99 8.44 11.30
C PRO D 44 11.87 9.62 12.25
N ARG D 45 10.68 9.82 12.79
CA ARG D 45 10.45 10.85 13.80
C ARG D 45 9.43 10.33 14.76
N MET D 46 9.53 10.74 16.02
CA MET D 46 8.42 10.55 16.92
C MET D 46 7.28 11.38 16.32
N ALA D 47 6.10 10.79 16.21
CA ALA D 47 4.99 11.44 15.51
C ALA D 47 3.70 11.35 16.33
N PRO D 48 2.81 12.36 16.18
CA PRO D 48 1.56 12.39 16.93
C PRO D 48 0.52 11.36 16.45
N ARG D 49 -0.24 10.80 17.40
CA ARG D 49 -1.29 9.84 17.09
C ARG D 49 -2.58 10.19 17.82
N ALA D 50 -2.56 11.28 18.59
CA ALA D 50 -3.77 11.83 19.21
C ALA D 50 -3.80 13.35 19.08
N PRO D 51 -4.99 13.94 18.89
CA PRO D 51 -5.12 15.39 18.66
C PRO D 51 -4.41 16.20 19.75
N TRP D 52 -4.58 15.79 20.99
CA TRP D 52 -4.13 16.61 22.13
C TRP D 52 -2.63 16.63 22.39
N ILE D 53 -1.83 15.85 21.65
CA ILE D 53 -0.37 15.91 21.79
C ILE D 53 0.23 16.85 20.75
N GLU D 54 -0.54 17.20 19.74
CA GLU D 54 0.00 17.95 18.61
C GLU D 54 0.50 19.33 19.02
N GLN D 55 -0.10 19.88 20.07
CA GLN D 55 0.32 21.17 20.61
C GLN D 55 1.71 21.22 21.21
N GLU D 56 2.35 20.06 21.42
CA GLU D 56 3.69 20.09 21.99
C GLU D 56 4.65 20.72 20.98
N GLY D 57 5.59 21.51 21.48
CA GLY D 57 6.43 22.32 20.62
C GLY D 57 7.55 21.54 19.96
N PRO D 58 8.31 22.21 19.08
CA PRO D 58 9.37 21.56 18.31
C PRO D 58 10.41 20.87 19.20
N GLU D 59 10.63 21.39 20.39
CA GLU D 59 11.65 20.83 21.26
C GLU D 59 11.19 19.46 21.75
N TYR D 60 9.88 19.25 21.77
CA TYR D 60 9.31 17.99 22.24
C TYR D 60 9.60 16.94 21.19
N TRP D 61 9.21 17.26 19.95
CA TRP D 61 9.29 16.31 18.84
C TRP D 61 10.74 16.02 18.43
N ASP D 62 11.60 17.04 18.42
CA ASP D 62 13.00 16.84 18.09
C ASP D 62 13.71 16.07 19.20
N GLY D 63 13.35 16.37 20.45
CA GLY D 63 13.90 15.68 21.60
C GLY D 63 13.47 14.22 21.68
N GLU D 64 12.19 13.97 21.42
CA GLU D 64 11.66 12.61 21.42
C GLU D 64 12.21 11.81 20.23
N THR D 65 12.37 12.45 19.09
CA THR D 65 12.98 11.81 17.94
C THR D 65 14.45 11.42 18.23
N ARG D 66 15.24 12.36 18.74
CA ARG D 66 16.62 12.05 19.08
CA ARG D 66 16.62 12.10 19.14
C ARG D 66 16.70 10.90 20.08
N ASN D 67 15.82 10.89 21.06
CA ASN D 67 15.81 9.81 22.05
C ASN D 67 15.41 8.44 21.45
N MET D 68 14.51 8.44 20.48
CA MET D 68 14.10 7.20 19.87
C MET D 68 15.21 6.64 19.00
N LYS D 69 15.90 7.51 18.28
CA LYS D 69 17.02 7.06 17.45
C LYS D 69 18.15 6.48 18.30
N ALA D 70 18.40 7.09 19.46
CA ALA D 70 19.42 6.57 20.36
C ALA D 70 19.00 5.23 20.98
N SER D 71 17.74 5.16 21.38
CA SER D 71 17.21 3.96 21.99
C SER D 71 17.22 2.81 20.96
N ALA D 72 16.92 3.12 19.71
CA ALA D 72 17.01 2.13 18.64
C ALA D 72 18.42 1.55 18.56
N GLN D 73 19.42 2.41 18.68
CA GLN D 73 20.81 1.95 18.61
C GLN D 73 21.16 1.09 19.81
N THR D 74 20.70 1.51 20.99
CA THR D 74 20.95 0.75 22.19
C THR D 74 20.30 -0.65 22.15
N TYR D 75 19.06 -0.70 21.69
CA TYR D 75 18.34 -1.96 21.59
C TYR D 75 18.96 -2.88 20.54
N ARG D 76 19.50 -2.29 19.48
CA ARG D 76 20.23 -3.07 18.48
C ARG D 76 21.46 -3.72 19.15
N GLU D 77 22.12 -2.95 19.99
CA GLU D 77 23.27 -3.46 20.71
C GLU D 77 22.84 -4.56 21.71
N ASN D 78 21.68 -4.40 22.32
CA ASN D 78 21.21 -5.39 23.29
C ASN D 78 20.81 -6.70 22.59
N LEU D 79 20.31 -6.60 21.36
CA LEU D 79 20.02 -7.79 20.56
C LEU D 79 21.32 -8.58 20.36
N ARG D 80 22.42 -7.89 20.09
CA ARG D 80 23.71 -8.54 19.91
C ARG D 80 24.20 -9.19 21.20
N ILE D 81 24.04 -8.48 22.32
CA ILE D 81 24.44 -9.03 23.62
C ILE D 81 23.61 -10.27 23.98
N ALA D 82 22.29 -10.22 23.76
CA ALA D 82 21.42 -11.34 24.08
C ALA D 82 21.75 -12.55 23.21
N LEU D 83 22.09 -12.30 21.95
CA LEU D 83 22.50 -13.34 21.03
C LEU D 83 23.67 -14.13 21.61
N ARG D 84 24.59 -13.41 22.25
CA ARG D 84 25.77 -14.04 22.83
C ARG D 84 25.41 -14.73 24.14
N TYR D 85 24.53 -14.13 24.92
CA TYR D 85 24.10 -14.77 26.17
C TYR D 85 23.49 -16.14 25.89
N TYR D 86 22.67 -16.21 24.84
CA TYR D 86 21.94 -17.43 24.49
C TYR D 86 22.69 -18.31 23.49
N ASN D 87 23.91 -17.93 23.13
CA ASN D 87 24.73 -18.70 22.18
C ASN D 87 23.99 -18.96 20.90
N GLN D 88 23.36 -17.93 20.33
CA GLN D 88 22.56 -18.11 19.13
C GLN D 88 23.23 -17.54 17.88
N SER D 89 22.74 -18.00 16.73
CA SER D 89 23.35 -17.66 15.45
C SER D 89 22.90 -16.30 14.96
N GLU D 90 23.82 -15.59 14.30
CA GLU D 90 23.50 -14.31 13.66
C GLU D 90 22.54 -14.44 12.47
N ALA D 91 22.25 -15.66 12.03
CA ALA D 91 21.33 -15.88 10.92
C ALA D 91 19.86 -15.96 11.37
N GLY D 92 19.62 -16.07 12.67
CA GLY D 92 18.26 -16.15 13.17
C GLY D 92 17.68 -14.77 13.49
N SER D 93 16.35 -14.67 13.50
CA SER D 93 15.68 -13.42 13.85
CA SER D 93 15.67 -13.42 13.86
C SER D 93 15.22 -13.47 15.31
N HIS D 94 15.34 -12.35 16.01
CA HIS D 94 14.98 -12.31 17.43
C HIS D 94 14.29 -11.01 17.75
N ILE D 95 13.54 -11.01 18.84
CA ILE D 95 12.76 -9.86 19.25
C ILE D 95 12.94 -9.52 20.73
N ILE D 96 13.25 -8.26 21.00
CA ILE D 96 13.17 -7.70 22.34
C ILE D 96 11.92 -6.84 22.47
N GLN D 97 11.14 -7.05 23.52
CA GLN D 97 9.96 -6.22 23.78
C GLN D 97 10.05 -5.66 25.18
N VAL D 98 9.82 -4.37 25.33
CA VAL D 98 9.93 -3.72 26.63
C VAL D 98 8.73 -2.80 26.84
N MET D 99 8.12 -2.89 28.01
CA MET D 99 7.00 -2.05 28.37
C MET D 99 7.40 -1.31 29.63
N TYR D 100 7.17 -0.02 29.68
CA TYR D 100 7.41 0.71 30.93
C TYR D 100 6.46 1.87 31.11
N GLY D 101 6.27 2.28 32.36
CA GLY D 101 5.44 3.42 32.62
C GLY D 101 4.91 3.46 34.03
N CYS D 102 3.92 4.32 34.25
CA CYS D 102 3.46 4.63 35.59
C CYS D 102 1.94 4.63 35.67
N ASP D 103 1.44 4.13 36.79
CA ASP D 103 0.03 4.20 37.13
C ASP D 103 -0.16 5.28 38.20
N VAL D 104 -1.16 6.14 38.03
CA VAL D 104 -1.50 7.12 39.07
C VAL D 104 -2.97 7.01 39.48
N GLY D 105 -3.26 7.32 40.73
CA GLY D 105 -4.62 7.36 41.23
C GLY D 105 -5.28 8.71 40.95
N PRO D 106 -6.53 8.89 41.43
CA PRO D 106 -7.35 10.07 41.13
C PRO D 106 -6.71 11.37 41.62
N ASP D 107 -5.86 11.29 42.64
CA ASP D 107 -5.18 12.47 43.15
C ASP D 107 -3.98 12.84 42.27
N GLY D 108 -3.63 11.97 41.32
CA GLY D 108 -2.51 12.22 40.43
C GLY D 108 -1.18 11.76 40.99
N ARG D 109 -1.20 11.00 42.08
CA ARG D 109 0.04 10.51 42.67
C ARG D 109 0.35 9.09 42.22
N LEU D 110 1.63 8.74 42.25
CA LEU D 110 2.11 7.47 41.73
C LEU D 110 1.54 6.28 42.51
N LEU D 111 0.88 5.36 41.80
CA LEU D 111 0.42 4.12 42.40
C LEU D 111 1.46 3.01 42.24
N ARG D 112 2.00 2.90 41.03
CA ARG D 112 2.81 1.74 40.62
C ARG D 112 3.69 2.10 39.44
N GLY D 113 4.93 1.61 39.43
CA GLY D 113 5.81 1.80 38.29
C GLY D 113 6.04 0.47 37.59
N HIS D 114 6.39 0.52 36.31
CA HIS D 114 6.53 -0.68 35.49
C HIS D 114 7.76 -0.57 34.60
N ASP D 115 8.48 -1.69 34.47
CA ASP D 115 9.60 -1.78 33.54
C ASP D 115 9.90 -3.25 33.35
N GLN D 116 9.27 -3.87 32.36
CA GLN D 116 9.41 -5.31 32.18
C GLN D 116 9.64 -5.63 30.72
N SER D 117 10.23 -6.78 30.46
CA SER D 117 10.61 -7.12 29.11
C SER D 117 10.50 -8.60 28.79
N ALA D 118 10.59 -8.85 27.49
CA ALA D 118 10.54 -10.18 26.94
C ALA D 118 11.63 -10.31 25.90
N TYR D 119 12.16 -11.51 25.77
CA TYR D 119 13.05 -11.86 24.67
C TYR D 119 12.40 -13.00 23.93
N ASP D 120 12.18 -12.80 22.64
CA ASP D 120 11.46 -13.77 21.81
C ASP D 120 10.13 -14.21 22.42
N GLY D 121 9.40 -13.28 23.00
CA GLY D 121 8.06 -13.56 23.48
C GLY D 121 7.97 -14.21 24.85
N LYS D 122 9.12 -14.42 25.52
CA LYS D 122 9.15 -14.97 26.87
C LYS D 122 9.74 -13.95 27.83
N ASP D 123 9.21 -13.93 29.05
CA ASP D 123 9.71 -13.04 30.11
C ASP D 123 11.24 -13.03 30.19
N TYR D 124 11.82 -11.84 30.25
CA TYR D 124 13.25 -11.71 30.42
C TYR D 124 13.57 -11.13 31.80
N ILE D 125 13.38 -9.83 31.96
CA ILE D 125 13.58 -9.22 33.27
C ILE D 125 12.55 -8.13 33.53
N ALA D 126 12.14 -8.03 34.79
CA ALA D 126 11.14 -7.05 35.17
C ALA D 126 11.53 -6.36 36.47
N LEU D 127 11.32 -5.05 36.51
CA LEU D 127 11.54 -4.26 37.72
C LEU D 127 10.42 -4.58 38.71
N ASN D 128 10.76 -4.84 39.97
CA ASN D 128 9.73 -5.16 40.94
C ASN D 128 9.00 -3.93 41.45
N GLU D 129 7.88 -4.15 42.14
CA GLU D 129 7.04 -3.05 42.62
C GLU D 129 7.77 -2.08 43.54
N ASP D 130 8.76 -2.58 44.28
CA ASP D 130 9.54 -1.75 45.18
C ASP D 130 10.44 -0.80 44.40
N LEU D 131 10.47 -0.99 43.09
CA LEU D 131 11.28 -0.18 42.18
C LEU D 131 12.75 -0.17 42.62
N SER D 132 13.20 -1.31 43.15
CA SER D 132 14.56 -1.40 43.66
C SER D 132 15.18 -2.75 43.40
N SER D 133 14.35 -3.75 43.10
CA SER D 133 14.90 -5.06 42.78
C SER D 133 14.32 -5.57 41.47
N TRP D 134 14.90 -6.66 40.97
CA TRP D 134 14.50 -7.23 39.68
C TRP D 134 14.08 -8.69 39.79
N THR D 135 13.10 -9.08 38.96
CA THR D 135 12.81 -10.49 38.71
C THR D 135 13.42 -10.90 37.39
N ALA D 136 14.38 -11.81 37.43
CA ALA D 136 14.98 -12.35 36.22
C ALA D 136 14.37 -13.71 35.91
N ALA D 137 14.03 -13.97 34.66
CA ALA D 137 13.28 -15.17 34.31
C ALA D 137 14.16 -16.37 33.95
N ASP D 138 15.43 -16.11 33.67
CA ASP D 138 16.34 -17.19 33.32
C ASP D 138 17.78 -16.77 33.57
N THR D 139 18.72 -17.67 33.28
CA THR D 139 20.12 -17.42 33.62
C THR D 139 20.72 -16.29 32.77
N ALA D 140 20.22 -16.10 31.55
CA ALA D 140 20.68 -14.97 30.74
C ALA D 140 20.25 -13.67 31.41
N ALA D 141 18.98 -13.58 31.79
CA ALA D 141 18.50 -12.38 32.48
C ALA D 141 19.19 -12.19 33.82
N GLN D 142 19.69 -13.27 34.42
CA GLN D 142 20.40 -13.15 35.68
C GLN D 142 21.70 -12.37 35.51
N ILE D 143 22.34 -12.54 34.35
CA ILE D 143 23.52 -11.74 34.00
C ILE D 143 23.20 -10.26 33.94
N THR D 144 22.17 -9.94 33.18
CA THR D 144 21.63 -8.59 33.14
C THR D 144 21.36 -8.05 34.55
N GLN D 145 20.74 -8.88 35.39
CA GLN D 145 20.36 -8.45 36.73
C GLN D 145 21.57 -7.98 37.54
N ARG D 146 22.64 -8.76 37.56
CA ARG D 146 23.83 -8.37 38.30
CA ARG D 146 23.83 -8.37 38.30
C ARG D 146 24.45 -7.10 37.72
N LYS D 147 24.44 -6.99 36.40
CA LYS D 147 24.97 -5.78 35.75
C LYS D 147 24.18 -4.56 36.15
N TRP D 148 22.87 -4.72 36.30
CA TRP D 148 22.01 -3.58 36.51
C TRP D 148 22.03 -3.15 37.98
N GLU D 149 22.26 -4.11 38.87
CA GLU D 149 22.41 -3.77 40.28
C GLU D 149 23.70 -2.99 40.50
N ALA D 150 24.78 -3.47 39.89
CA ALA D 150 26.04 -2.75 39.88
C ALA D 150 25.86 -1.32 39.35
N ALA D 151 25.19 -1.15 38.21
CA ALA D 151 25.07 0.18 37.61
C ALA D 151 23.89 0.99 38.16
N ARG D 152 23.25 0.51 39.22
CA ARG D 152 22.16 1.25 39.89
C ARG D 152 21.03 1.60 38.92
N VAL D 153 20.71 0.66 38.04
CA VAL D 153 19.72 0.91 37.01
C VAL D 153 18.33 1.13 37.60
N ALA D 154 17.95 0.31 38.58
CA ALA D 154 16.64 0.43 39.23
C ALA D 154 16.45 1.83 39.79
N GLU D 155 17.50 2.36 40.41
CA GLU D 155 17.45 3.73 40.93
C GLU D 155 17.21 4.73 39.81
N GLN D 156 17.80 4.49 38.65
CA GLN D 156 17.63 5.43 37.55
C GLN D 156 16.18 5.39 37.02
N LEU D 157 15.64 4.19 36.83
CA LEU D 157 14.24 4.05 36.44
C LEU D 157 13.31 4.64 37.49
N ARG D 158 13.60 4.39 38.76
CA ARG D 158 12.72 4.84 39.83
C ARG D 158 12.57 6.36 39.79
N ALA D 159 13.67 7.06 39.53
CA ALA D 159 13.64 8.51 39.40
C ALA D 159 12.78 8.95 38.22
N TYR D 160 12.83 8.18 37.13
CA TYR D 160 11.99 8.49 35.98
C TYR D 160 10.53 8.25 36.31
N LEU D 161 10.25 7.08 36.88
CA LEU D 161 8.89 6.65 37.10
C LEU D 161 8.19 7.54 38.13
N GLU D 162 8.90 7.87 39.21
CA GLU D 162 8.37 8.78 40.24
C GLU D 162 8.32 10.23 39.80
N GLY D 163 9.16 10.60 38.83
CA GLY D 163 9.29 12.00 38.43
C GLY D 163 8.59 12.36 37.12
N LEU D 164 9.39 12.49 36.06
CA LEU D 164 8.89 12.81 34.72
C LEU D 164 7.64 12.05 34.30
N CYS D 165 7.59 10.76 34.59
CA CYS D 165 6.48 9.93 34.13
C CYS D 165 5.14 10.49 34.62
N VAL D 166 5.01 10.52 35.94
CA VAL D 166 3.86 11.09 36.62
C VAL D 166 3.57 12.50 36.18
N GLU D 167 4.63 13.31 36.07
CA GLU D 167 4.41 14.71 35.79
C GLU D 167 3.90 14.93 34.36
N TRP D 168 4.43 14.20 33.38
CA TRP D 168 3.95 14.42 32.02
C TRP D 168 2.58 13.77 31.81
N LEU D 169 2.34 12.66 32.47
CA LEU D 169 1.02 12.03 32.45
C LEU D 169 -0.03 13.05 32.90
N ARG D 170 0.24 13.76 33.99
CA ARG D 170 -0.65 14.84 34.46
C ARG D 170 -0.92 15.87 33.37
N ARG D 171 0.15 16.34 32.74
CA ARG D 171 0.04 17.29 31.65
C ARG D 171 -0.87 16.79 30.53
N TYR D 172 -0.64 15.57 30.07
CA TYR D 172 -1.42 15.01 28.97
C TYR D 172 -2.91 14.92 29.33
N LEU D 173 -3.17 14.40 30.53
CA LEU D 173 -4.53 14.25 31.03
C LEU D 173 -5.26 15.60 31.06
N GLU D 174 -4.56 16.66 31.45
CA GLU D 174 -5.17 17.98 31.45
C GLU D 174 -5.38 18.49 30.02
N ASN D 175 -4.35 18.39 29.18
CA ASN D 175 -4.47 18.81 27.78
C ASN D 175 -5.53 18.05 27.01
N GLY D 176 -5.66 16.76 27.27
CA GLY D 176 -6.62 15.93 26.56
C GLY D 176 -7.85 15.61 27.40
N LYS D 177 -8.12 16.46 28.39
CA LYS D 177 -9.20 16.25 29.34
C LYS D 177 -10.54 15.93 28.68
N GLU D 178 -10.85 16.61 27.58
CA GLU D 178 -12.14 16.43 26.92
C GLU D 178 -12.38 15.00 26.42
N THR D 179 -11.31 14.27 26.12
CA THR D 179 -11.45 12.89 25.64
C THR D 179 -10.93 11.86 26.64
N LEU D 180 -9.79 12.13 27.25
CA LEU D 180 -9.18 11.17 28.15
C LEU D 180 -9.94 10.99 29.46
N GLN D 181 -10.65 12.03 29.92
CA GLN D 181 -11.32 11.96 31.22
C GLN D 181 -12.84 11.94 31.08
N ARG D 182 -13.30 11.77 29.84
CA ARG D 182 -14.71 11.59 29.58
C ARG D 182 -14.96 10.21 28.98
N ALA D 183 -15.73 9.38 29.69
CA ALA D 183 -16.04 8.04 29.18
C ALA D 183 -17.13 8.07 28.12
N ASP D 184 -16.99 7.24 27.10
CA ASP D 184 -18.02 7.03 26.09
C ASP D 184 -18.76 5.74 26.41
N PRO D 185 -20.04 5.84 26.75
CA PRO D 185 -20.77 4.61 27.05
C PRO D 185 -21.01 3.83 25.77
N PRO D 186 -21.16 2.50 25.86
CA PRO D 186 -21.44 1.74 24.64
C PRO D 186 -22.82 2.04 24.05
N LYS D 187 -22.93 2.03 22.71
CA LYS D 187 -24.21 1.94 22.05
C LYS D 187 -24.55 0.45 21.93
N THR D 188 -25.69 0.05 22.48
CA THR D 188 -26.00 -1.36 22.60
C THR D 188 -27.27 -1.81 21.85
N HIS D 189 -27.20 -2.98 21.22
CA HIS D 189 -28.37 -3.59 20.60
C HIS D 189 -28.26 -5.12 20.58
N VAL D 190 -29.39 -5.79 20.37
CA VAL D 190 -29.43 -7.25 20.32
C VAL D 190 -29.92 -7.75 18.95
N THR D 191 -29.25 -8.78 18.42
CA THR D 191 -29.62 -9.35 17.14
C THR D 191 -29.99 -10.83 17.26
N HIS D 192 -30.71 -11.31 16.24
CA HIS D 192 -31.29 -12.65 16.27
C HIS D 192 -31.07 -13.38 14.94
N HIS D 193 -30.54 -14.61 15.02
CA HIS D 193 -30.27 -15.39 13.82
C HIS D 193 -30.61 -16.88 14.01
N PRO D 194 -31.70 -17.33 13.38
CA PRO D 194 -32.10 -18.74 13.45
C PRO D 194 -31.01 -19.68 12.94
N ILE D 195 -30.46 -20.48 13.83
CA ILE D 195 -29.44 -21.46 13.47
C ILE D 195 -30.09 -22.67 12.82
N SER D 196 -31.38 -22.83 13.09
CA SER D 196 -32.11 -24.04 12.74
C SER D 196 -33.61 -23.83 12.87
N ASP D 197 -34.34 -24.93 12.98
CA ASP D 197 -35.76 -24.87 13.30
C ASP D 197 -35.96 -25.22 14.77
N HIS D 198 -34.85 -25.34 15.50
CA HIS D 198 -34.88 -25.80 16.89
C HIS D 198 -34.18 -24.80 17.81
N GLU D 199 -33.21 -24.08 17.27
CA GLU D 199 -32.40 -23.15 18.05
C GLU D 199 -32.04 -21.87 17.28
N ALA D 200 -31.72 -20.81 18.01
CA ALA D 200 -31.35 -19.53 17.41
C ALA D 200 -30.22 -18.87 18.20
N THR D 201 -29.51 -17.94 17.57
CA THR D 201 -28.48 -17.16 18.27
C THR D 201 -29.00 -15.76 18.64
N LEU D 202 -28.77 -15.38 19.89
CA LEU D 202 -29.00 -14.01 20.32
C LEU D 202 -27.65 -13.35 20.60
N ARG D 203 -27.40 -12.20 19.99
CA ARG D 203 -26.10 -11.56 20.13
C ARG D 203 -26.21 -10.16 20.70
N CYS D 204 -25.54 -9.94 21.83
CA CYS D 204 -25.56 -8.66 22.51
C CYS D 204 -24.36 -7.82 22.09
N TRP D 205 -24.63 -6.64 21.54
CA TRP D 205 -23.60 -5.78 20.98
C TRP D 205 -23.29 -4.58 21.88
N ALA D 206 -22.01 -4.24 21.96
CA ALA D 206 -21.58 -2.98 22.58
C ALA D 206 -20.64 -2.29 21.62
N LEU D 207 -20.97 -1.06 21.23
CA LEU D 207 -20.17 -0.37 20.21
C LEU D 207 -19.81 1.05 20.61
N GLY D 208 -18.65 1.50 20.15
CA GLY D 208 -18.24 2.88 20.30
C GLY D 208 -17.95 3.31 21.72
N PHE D 209 -17.56 2.36 22.58
CA PHE D 209 -17.30 2.71 23.97
C PHE D 209 -15.80 3.00 24.23
N TYR D 210 -15.55 3.78 25.28
CA TYR D 210 -14.20 4.08 25.77
C TYR D 210 -14.29 4.36 27.27
N PRO D 211 -13.35 3.83 28.08
CA PRO D 211 -12.21 2.96 27.72
C PRO D 211 -12.65 1.54 27.36
N ALA D 212 -11.66 0.68 27.11
CA ALA D 212 -11.91 -0.66 26.57
C ALA D 212 -12.54 -1.60 27.59
N GLU D 213 -12.32 -1.32 28.87
CA GLU D 213 -12.82 -2.20 29.93
C GLU D 213 -14.34 -2.30 29.89
N ILE D 214 -14.86 -3.52 29.86
CA ILE D 214 -16.31 -3.72 29.80
C ILE D 214 -16.70 -5.14 30.19
N THR D 215 -17.94 -5.33 30.63
CA THR D 215 -18.46 -6.66 30.89
C THR D 215 -19.82 -6.86 30.24
N LEU D 216 -19.94 -7.94 29.47
CA LEU D 216 -21.22 -8.33 28.86
C LEU D 216 -21.60 -9.71 29.39
N THR D 217 -22.80 -9.83 29.93
CA THR D 217 -23.28 -11.12 30.40
C THR D 217 -24.66 -11.47 29.87
N TRP D 218 -24.87 -12.77 29.64
CA TRP D 218 -26.18 -13.31 29.30
C TRP D 218 -26.77 -14.04 30.49
N GLN D 219 -27.97 -13.62 30.91
CA GLN D 219 -28.69 -14.34 31.96
C GLN D 219 -29.95 -14.97 31.40
N ARG D 220 -30.22 -16.21 31.81
CA ARG D 220 -31.44 -16.90 31.42
C ARG D 220 -32.35 -16.95 32.65
N ASP D 221 -33.43 -16.17 32.57
CA ASP D 221 -34.37 -15.98 33.67
C ASP D 221 -33.69 -15.60 34.99
N GLY D 222 -32.58 -14.89 34.89
CA GLY D 222 -31.94 -14.40 36.09
C GLY D 222 -30.50 -14.81 36.31
N GLU D 223 -30.12 -16.02 35.87
CA GLU D 223 -28.75 -16.46 36.11
C GLU D 223 -27.91 -16.61 34.85
N ASP D 224 -26.60 -16.40 35.02
CA ASP D 224 -25.65 -16.30 33.92
C ASP D 224 -25.46 -17.62 33.19
N GLN D 225 -25.02 -17.51 31.94
CA GLN D 225 -24.78 -18.66 31.10
C GLN D 225 -23.29 -18.95 30.96
N THR D 226 -22.69 -19.45 32.04
CA THR D 226 -21.28 -19.79 32.13
C THR D 226 -20.64 -20.36 30.85
N GLN D 227 -20.89 -21.64 30.60
CA GLN D 227 -20.24 -22.38 29.51
C GLN D 227 -21.04 -22.28 28.21
N ASP D 228 -21.96 -21.32 28.14
CA ASP D 228 -22.81 -21.20 26.95
C ASP D 228 -22.79 -19.81 26.33
N THR D 229 -22.06 -18.89 26.95
CA THR D 229 -21.89 -17.55 26.38
C THR D 229 -20.59 -17.47 25.58
N GLU D 230 -20.70 -17.17 24.30
CA GLU D 230 -19.52 -16.97 23.49
C GLU D 230 -19.13 -15.48 23.49
N LEU D 231 -17.93 -15.20 23.96
CA LEU D 231 -17.40 -13.84 23.99
C LEU D 231 -16.27 -13.66 22.98
N VAL D 232 -16.33 -12.62 22.17
CA VAL D 232 -15.17 -12.25 21.35
C VAL D 232 -14.28 -11.30 22.12
N GLU D 233 -13.00 -11.33 21.80
CA GLU D 233 -12.04 -10.37 22.31
C GLU D 233 -12.49 -8.96 21.96
N THR D 234 -12.45 -8.07 22.94
CA THR D 234 -12.70 -6.65 22.71
C THR D 234 -11.78 -6.15 21.60
N ARG D 235 -12.32 -5.35 20.69
CA ARG D 235 -11.59 -5.00 19.47
C ARG D 235 -11.71 -3.51 19.18
N PRO D 236 -10.69 -2.93 18.53
CA PRO D 236 -10.73 -1.50 18.24
C PRO D 236 -11.63 -1.17 17.03
N ALA D 237 -12.45 -0.14 17.15
CA ALA D 237 -13.31 0.27 16.03
C ALA D 237 -12.51 1.00 14.97
N GLY D 238 -11.36 1.55 15.37
CA GLY D 238 -10.49 2.28 14.45
C GLY D 238 -10.62 3.79 14.58
N ASP D 239 -11.48 4.22 15.50
CA ASP D 239 -11.72 5.63 15.75
C ASP D 239 -11.44 5.95 17.22
N ARG D 240 -10.62 5.11 17.85
CA ARG D 240 -10.20 5.22 19.25
C ARG D 240 -11.22 4.69 20.25
N THR D 241 -12.35 4.17 19.74
CA THR D 241 -13.35 3.48 20.57
C THR D 241 -13.27 1.99 20.32
N PHE D 242 -14.05 1.22 21.09
CA PHE D 242 -13.95 -0.23 21.08
C PHE D 242 -15.31 -0.89 20.86
N GLN D 243 -15.27 -2.17 20.54
CA GLN D 243 -16.45 -2.99 20.25
C GLN D 243 -16.32 -4.32 20.97
N LYS D 244 -17.44 -4.90 21.35
CA LYS D 244 -17.45 -6.26 21.90
C LYS D 244 -18.84 -6.87 21.71
N TRP D 245 -18.92 -8.18 21.55
CA TRP D 245 -20.24 -8.78 21.62
C TRP D 245 -20.20 -10.10 22.35
N ALA D 246 -21.36 -10.51 22.84
CA ALA D 246 -21.55 -11.77 23.51
C ALA D 246 -22.76 -12.46 22.88
N ALA D 247 -22.69 -13.77 22.71
CA ALA D 247 -23.81 -14.47 22.08
C ALA D 247 -24.08 -15.79 22.75
N VAL D 248 -25.31 -16.27 22.61
CA VAL D 248 -25.75 -17.50 23.25
C VAL D 248 -26.73 -18.22 22.35
N VAL D 249 -26.59 -19.55 22.29
CA VAL D 249 -27.53 -20.39 21.55
C VAL D 249 -28.73 -20.72 22.44
N VAL D 250 -29.90 -20.22 22.06
CA VAL D 250 -31.10 -20.40 22.86
C VAL D 250 -32.11 -21.31 22.14
N PRO D 251 -33.03 -21.92 22.92
CA PRO D 251 -34.15 -22.63 22.29
C PRO D 251 -35.05 -21.64 21.57
N SER D 252 -35.38 -21.90 20.31
CA SER D 252 -36.24 -20.99 19.57
C SER D 252 -37.60 -20.93 20.26
N GLY D 253 -38.14 -19.73 20.41
CA GLY D 253 -39.36 -19.53 21.15
C GLY D 253 -39.16 -19.01 22.57
N GLU D 254 -38.01 -19.35 23.16
CA GLU D 254 -37.69 -18.89 24.51
C GLU D 254 -36.69 -17.75 24.52
N GLU D 255 -36.73 -16.88 23.50
CA GLU D 255 -35.81 -15.75 23.41
C GLU D 255 -35.96 -14.79 24.61
N GLN D 256 -37.20 -14.45 24.94
CA GLN D 256 -37.47 -13.47 25.98
C GLN D 256 -37.22 -14.02 27.39
N ARG D 257 -36.63 -15.20 27.47
CA ARG D 257 -36.16 -15.73 28.74
C ARG D 257 -34.75 -15.20 29.01
N TYR D 258 -34.05 -14.87 27.93
CA TYR D 258 -32.64 -14.50 28.00
C TYR D 258 -32.42 -12.99 28.01
N THR D 259 -31.60 -12.51 28.95
CA THR D 259 -31.36 -11.08 29.13
C THR D 259 -29.86 -10.70 29.09
N CYS D 260 -29.52 -9.62 28.38
CA CYS D 260 -28.11 -9.17 28.30
C CYS D 260 -27.80 -8.00 29.23
N HIS D 261 -26.74 -8.14 30.01
CA HIS D 261 -26.34 -7.11 30.97
C HIS D 261 -24.97 -6.52 30.64
N VAL D 262 -24.93 -5.20 30.58
CA VAL D 262 -23.77 -4.45 30.14
C VAL D 262 -23.23 -3.60 31.27
N GLN D 263 -21.95 -3.80 31.60
CA GLN D 263 -21.30 -2.98 32.62
C GLN D 263 -20.17 -2.19 32.00
N HIS D 264 -20.24 -0.87 32.09
CA HIS D 264 -19.18 -0.02 31.58
C HIS D 264 -19.17 1.33 32.32
N GLU D 265 -17.96 1.83 32.56
CA GLU D 265 -17.74 3.08 33.30
C GLU D 265 -18.56 4.28 32.80
N GLY D 266 -18.80 4.35 31.50
CA GLY D 266 -19.54 5.47 30.92
C GLY D 266 -21.04 5.40 31.13
N LEU D 267 -21.50 4.31 31.73
CA LEU D 267 -22.92 4.12 32.02
C LEU D 267 -23.24 4.50 33.48
N PRO D 268 -24.33 5.26 33.68
CA PRO D 268 -24.82 5.63 35.02
C PRO D 268 -25.02 4.41 35.91
N LYS D 269 -25.85 3.48 35.46
CA LYS D 269 -25.99 2.18 36.09
C LYS D 269 -25.96 1.14 34.97
N PRO D 270 -25.67 -0.13 35.33
CA PRO D 270 -25.62 -1.20 34.32
C PRO D 270 -26.90 -1.34 33.51
N LEU D 271 -26.76 -1.66 32.22
CA LEU D 271 -27.91 -1.84 31.35
C LEU D 271 -28.47 -3.25 31.39
N THR D 272 -29.77 -3.34 31.18
CA THR D 272 -30.44 -4.61 30.94
C THR D 272 -31.11 -4.52 29.58
N LEU D 273 -30.82 -5.47 28.70
CA LEU D 273 -31.38 -5.44 27.36
C LEU D 273 -31.96 -6.78 26.97
N ARG D 274 -32.92 -6.74 26.05
CA ARG D 274 -33.44 -7.97 25.46
C ARG D 274 -33.80 -7.78 24.00
N TRP D 275 -34.02 -8.89 23.33
CA TRP D 275 -34.40 -8.85 21.92
C TRP D 275 -35.75 -8.17 21.77
N ILE E 1 9.32 -18.11 21.46
CA ILE E 1 8.09 -18.89 21.33
C ILE E 1 7.28 -18.36 20.13
N GLN E 2 6.33 -19.17 19.64
CA GLN E 2 5.41 -18.83 18.52
C GLN E 2 3.93 -18.93 18.83
N ARG E 3 3.18 -17.91 18.43
CA ARG E 3 1.72 -17.88 18.66
C ARG E 3 0.97 -17.48 17.40
N THR E 4 -0.13 -18.19 17.13
CA THR E 4 -0.87 -18.02 15.89
C THR E 4 -1.90 -16.90 16.02
N PRO E 5 -2.08 -16.11 14.96
CA PRO E 5 -2.99 -14.96 15.07
C PRO E 5 -4.45 -15.33 15.25
N LYS E 6 -5.13 -14.60 16.13
CA LYS E 6 -6.59 -14.56 16.11
C LYS E 6 -6.98 -13.50 15.07
N ILE E 7 -8.13 -13.70 14.45
CA ILE E 7 -8.58 -12.83 13.36
C ILE E 7 -10.04 -12.45 13.55
N GLN E 8 -10.31 -11.16 13.54
CA GLN E 8 -11.68 -10.66 13.47
C GLN E 8 -11.81 -9.68 12.31
N VAL E 9 -12.85 -9.87 11.50
CA VAL E 9 -13.17 -9.00 10.36
C VAL E 9 -14.51 -8.32 10.64
N TYR E 10 -14.58 -6.99 10.53
CA TYR E 10 -15.78 -6.28 10.94
C TYR E 10 -15.77 -4.82 10.45
N SER E 11 -16.91 -4.14 10.54
CA SER E 11 -16.98 -2.74 10.15
C SER E 11 -16.88 -1.81 11.35
N ARG E 12 -16.35 -0.62 11.13
CA ARG E 12 -16.24 0.36 12.21
C ARG E 12 -17.63 0.73 12.75
N HIS E 13 -18.55 0.96 11.82
CA HIS E 13 -19.95 1.26 12.13
C HIS E 13 -20.87 0.15 11.60
N PRO E 14 -22.11 0.07 12.12
CA PRO E 14 -23.04 -0.92 11.55
C PRO E 14 -23.23 -0.70 10.04
N ALA E 15 -23.21 -1.79 9.30
CA ALA E 15 -23.17 -1.71 7.83
C ALA E 15 -24.51 -1.27 7.25
N GLU E 16 -24.49 -0.20 6.47
CA GLU E 16 -25.69 0.23 5.76
C GLU E 16 -25.35 0.40 4.29
N ASN E 17 -25.98 -0.44 3.46
CA ASN E 17 -25.71 -0.46 2.02
C ASN E 17 -25.74 0.92 1.39
N GLY E 18 -24.66 1.26 0.69
CA GLY E 18 -24.57 2.55 0.02
C GLY E 18 -24.03 3.67 0.90
N LYS E 19 -23.77 3.38 2.16
CA LYS E 19 -23.16 4.36 3.06
C LYS E 19 -21.71 3.99 3.35
N SER E 20 -20.81 4.96 3.16
CA SER E 20 -19.38 4.71 3.33
C SER E 20 -19.07 4.37 4.78
N ASN E 21 -18.02 3.58 4.98
CA ASN E 21 -17.74 2.97 6.27
C ASN E 21 -16.26 2.58 6.27
N PHE E 22 -15.83 1.81 7.26
CA PHE E 22 -14.46 1.28 7.26
C PHE E 22 -14.50 -0.20 7.49
N LEU E 23 -13.76 -0.93 6.67
CA LEU E 23 -13.64 -2.36 6.84
C LEU E 23 -12.40 -2.67 7.67
N ASN E 24 -12.58 -3.38 8.78
CA ASN E 24 -11.46 -3.68 9.68
C ASN E 24 -11.11 -5.14 9.69
N CYS E 25 -9.81 -5.45 9.72
CA CYS E 25 -9.34 -6.76 10.08
C CYS E 25 -8.34 -6.67 11.24
N TYR E 26 -8.76 -7.14 12.40
CA TYR E 26 -7.95 -7.06 13.61
C TYR E 26 -7.21 -8.37 13.83
N VAL E 27 -5.89 -8.36 13.79
CA VAL E 27 -5.11 -9.55 14.13
C VAL E 27 -4.42 -9.38 15.46
N SER E 28 -4.48 -10.43 16.28
CA SER E 28 -3.96 -10.34 17.63
C SER E 28 -3.46 -11.68 18.11
N GLY E 29 -2.81 -11.68 19.27
CA GLY E 29 -2.34 -12.92 19.88
C GLY E 29 -1.21 -13.61 19.15
N PHE E 30 -0.54 -12.93 18.23
CA PHE E 30 0.48 -13.60 17.43
C PHE E 30 1.91 -13.23 17.82
N HIS E 31 2.84 -14.11 17.47
CA HIS E 31 4.26 -13.97 17.78
C HIS E 31 5.00 -14.99 16.90
N PRO E 32 6.08 -14.58 16.21
CA PRO E 32 6.70 -13.25 16.15
C PRO E 32 5.87 -12.22 15.37
N SER E 33 6.45 -11.07 15.10
CA SER E 33 5.65 -9.92 14.67
C SER E 33 5.41 -9.83 13.16
N ASP E 34 6.22 -10.51 12.35
CA ASP E 34 6.02 -10.46 10.91
C ASP E 34 4.67 -11.10 10.58
N ILE E 35 3.85 -10.42 9.77
CA ILE E 35 2.55 -10.95 9.44
C ILE E 35 2.08 -10.32 8.12
N GLU E 36 1.33 -11.09 7.34
CA GLU E 36 0.78 -10.64 6.07
C GLU E 36 -0.73 -10.57 6.16
N VAL E 37 -1.29 -9.39 5.90
CA VAL E 37 -2.73 -9.22 6.04
C VAL E 37 -3.25 -8.47 4.80
N ASP E 38 -4.19 -9.06 4.06
CA ASP E 38 -4.83 -8.35 2.96
C ASP E 38 -6.32 -8.30 3.19
N LEU E 39 -6.96 -7.22 2.76
CA LEU E 39 -8.41 -7.15 2.73
C LEU E 39 -8.82 -7.50 1.30
N LEU E 40 -9.88 -8.30 1.15
CA LEU E 40 -10.30 -8.76 -0.18
C LEU E 40 -11.71 -8.30 -0.52
N LYS E 41 -11.88 -7.84 -1.74
CA LYS E 41 -13.21 -7.51 -2.24
C LYS E 41 -13.57 -8.54 -3.30
N ASN E 42 -14.59 -9.35 -3.01
CA ASN E 42 -14.97 -10.44 -3.89
C ASN E 42 -13.74 -11.24 -4.32
N GLY E 43 -12.83 -11.47 -3.37
CA GLY E 43 -11.69 -12.34 -3.60
C GLY E 43 -10.46 -11.63 -4.13
N GLU E 44 -10.58 -10.34 -4.41
CA GLU E 44 -9.48 -9.57 -4.99
C GLU E 44 -8.81 -8.68 -3.95
N ARG E 45 -7.48 -8.77 -3.86
CA ARG E 45 -6.72 -7.93 -2.93
C ARG E 45 -7.03 -6.44 -3.06
N ILE E 46 -7.43 -5.81 -1.96
CA ILE E 46 -7.68 -4.37 -1.93
C ILE E 46 -6.36 -3.59 -1.78
N GLU E 47 -6.15 -2.56 -2.59
CA GLU E 47 -4.81 -1.99 -2.75
C GLU E 47 -4.29 -1.10 -1.65
N LYS E 48 -5.04 -0.10 -1.22
CA LYS E 48 -4.42 0.92 -0.34
C LYS E 48 -4.79 0.77 1.14
N VAL E 49 -4.63 -0.43 1.68
CA VAL E 49 -5.02 -0.73 3.05
C VAL E 49 -4.00 -0.16 4.06
N GLU E 50 -4.50 0.37 5.17
CA GLU E 50 -3.59 0.89 6.17
C GLU E 50 -3.63 0.04 7.42
N HIS E 51 -2.65 0.22 8.29
CA HIS E 51 -2.67 -0.49 9.56
C HIS E 51 -2.18 0.38 10.73
N SER E 52 -2.61 0.00 11.92
CA SER E 52 -2.15 0.64 13.15
C SER E 52 -0.68 0.32 13.42
N ASP E 53 -0.13 1.02 14.40
CA ASP E 53 1.26 0.84 14.78
C ASP E 53 1.38 -0.39 15.67
N LEU E 54 2.39 -1.21 15.37
CA LEU E 54 2.66 -2.42 16.14
C LEU E 54 2.70 -2.18 17.64
N SER E 55 1.88 -2.91 18.39
CA SER E 55 1.96 -2.90 19.83
C SER E 55 1.74 -4.31 20.35
N PHE E 56 1.80 -4.50 21.66
CA PHE E 56 1.62 -5.84 22.20
C PHE E 56 0.86 -5.83 23.51
N SER E 57 0.33 -7.00 23.84
CA SER E 57 -0.47 -7.23 25.03
C SER E 57 0.40 -7.67 26.21
N LYS E 58 -0.24 -7.92 27.35
CA LYS E 58 0.51 -8.26 28.55
C LYS E 58 1.25 -9.60 28.44
N ASP E 59 0.75 -10.50 27.60
CA ASP E 59 1.44 -11.78 27.38
C ASP E 59 2.48 -11.71 26.25
N TRP E 60 2.80 -10.48 25.83
CA TRP E 60 3.79 -10.16 24.79
C TRP E 60 3.33 -10.42 23.35
N SER E 61 2.11 -10.93 23.17
CA SER E 61 1.66 -11.22 21.82
C SER E 61 1.26 -9.90 21.16
N PHE E 62 1.53 -9.81 19.86
CA PHE E 62 1.31 -8.59 19.10
C PHE E 62 -0.12 -8.44 18.64
N TYR E 63 -0.52 -7.21 18.34
CA TYR E 63 -1.80 -6.96 17.70
C TYR E 63 -1.70 -5.78 16.72
N LEU E 64 -2.49 -5.88 15.66
CA LEU E 64 -2.53 -4.88 14.59
C LEU E 64 -3.96 -4.73 14.09
N LEU E 65 -4.31 -3.51 13.69
CA LEU E 65 -5.57 -3.26 13.01
C LEU E 65 -5.26 -2.86 11.60
N TYR E 66 -5.78 -3.60 10.64
CA TYR E 66 -5.68 -3.25 9.23
C TYR E 66 -7.04 -2.69 8.81
N TYR E 67 -7.08 -1.68 7.95
CA TYR E 67 -8.36 -1.05 7.67
C TYR E 67 -8.37 -0.29 6.35
N THR E 68 -9.56 -0.15 5.78
CA THR E 68 -9.75 0.60 4.55
C THR E 68 -11.18 1.14 4.47
N GLU E 69 -11.32 2.29 3.82
CA GLU E 69 -12.64 2.84 3.52
C GLU E 69 -13.36 1.96 2.51
N PHE E 70 -14.62 1.68 2.76
CA PHE E 70 -15.42 0.93 1.80
C PHE E 70 -16.87 1.39 1.87
N THR E 71 -17.59 1.20 0.76
CA THR E 71 -19.04 1.39 0.73
C THR E 71 -19.70 0.03 0.51
N PRO E 72 -20.26 -0.56 1.58
CA PRO E 72 -20.83 -1.91 1.49
C PRO E 72 -22.08 -1.95 0.61
N THR E 73 -22.24 -3.04 -0.15
CA THR E 73 -23.44 -3.26 -0.96
C THR E 73 -24.04 -4.61 -0.64
N GLU E 74 -25.20 -4.92 -1.22
CA GLU E 74 -25.83 -6.21 -0.94
C GLU E 74 -25.05 -7.38 -1.54
N LYS E 75 -24.44 -7.19 -2.70
CA LYS E 75 -23.80 -8.32 -3.37
C LYS E 75 -22.29 -8.42 -3.09
N ASP E 76 -21.66 -7.33 -2.67
CA ASP E 76 -20.21 -7.34 -2.47
C ASP E 76 -19.82 -8.13 -1.22
N GLU E 77 -18.87 -9.04 -1.40
CA GLU E 77 -18.38 -9.82 -0.30
C GLU E 77 -16.95 -9.40 0.01
N TYR E 78 -16.64 -9.37 1.30
CA TYR E 78 -15.32 -8.96 1.76
C TYR E 78 -14.75 -10.00 2.69
N ALA E 79 -13.43 -10.09 2.72
CA ALA E 79 -12.77 -11.05 3.59
C ALA E 79 -11.42 -10.48 4.03
N CYS E 80 -10.79 -11.17 4.97
CA CYS E 80 -9.45 -10.83 5.39
C CYS E 80 -8.60 -12.07 5.20
N ARG E 81 -7.44 -11.90 4.56
CA ARG E 81 -6.55 -13.02 4.30
C ARG E 81 -5.25 -12.78 5.01
N VAL E 82 -4.91 -13.71 5.91
CA VAL E 82 -3.78 -13.58 6.82
C VAL E 82 -2.80 -14.73 6.64
N ASN E 83 -1.52 -14.40 6.54
CA ASN E 83 -0.49 -15.41 6.61
C ASN E 83 0.54 -15.04 7.68
N HIS E 84 1.16 -16.06 8.25
CA HIS E 84 2.04 -15.91 9.40
C HIS E 84 2.85 -17.19 9.45
N VAL E 85 4.04 -17.15 10.07
CA VAL E 85 4.90 -18.32 10.10
C VAL E 85 4.24 -19.50 10.80
N THR E 86 3.32 -19.23 11.73
CA THR E 86 2.59 -20.33 12.38
C THR E 86 1.50 -20.95 11.50
N LEU E 87 1.30 -20.41 10.30
CA LEU E 87 0.24 -20.89 9.42
C LEU E 87 0.85 -21.51 8.18
N SER E 88 0.48 -22.76 7.90
CA SER E 88 1.05 -23.46 6.75
C SER E 88 0.43 -22.96 5.47
N GLN E 89 -0.75 -22.35 5.59
CA GLN E 89 -1.43 -21.76 4.45
C GLN E 89 -2.20 -20.52 4.89
N PRO E 90 -2.34 -19.53 4.01
CA PRO E 90 -3.11 -18.34 4.36
C PRO E 90 -4.51 -18.65 4.87
N LYS E 91 -4.93 -17.98 5.94
CA LYS E 91 -6.24 -18.17 6.51
C LYS E 91 -7.13 -17.05 5.99
N ILE E 92 -8.31 -17.41 5.49
CA ILE E 92 -9.26 -16.41 5.00
C ILE E 92 -10.51 -16.43 5.87
N VAL E 93 -10.86 -15.26 6.40
CA VAL E 93 -12.05 -15.12 7.23
C VAL E 93 -13.00 -14.14 6.54
N LYS E 94 -14.25 -14.56 6.30
CA LYS E 94 -15.17 -13.70 5.57
C LYS E 94 -15.81 -12.64 6.47
N TRP E 95 -16.14 -11.50 5.88
CA TRP E 95 -16.90 -10.50 6.62
C TRP E 95 -18.34 -10.97 6.75
N ASP E 96 -18.82 -10.98 7.99
CA ASP E 96 -20.22 -11.20 8.30
C ASP E 96 -20.71 -9.93 8.99
N ARG E 97 -21.61 -9.18 8.37
CA ARG E 97 -22.01 -7.89 8.94
C ARG E 97 -22.78 -8.05 10.26
N ASP E 98 -23.05 -9.29 10.66
CA ASP E 98 -23.71 -9.58 11.94
C ASP E 98 -22.73 -10.03 13.02
N MET E 99 -21.43 -10.01 12.70
CA MET E 99 -20.38 -10.46 13.64
C MET E 99 -19.21 -9.48 13.83
N VAL F 1 6.05 11.63 28.07
CA VAL F 1 7.40 11.72 27.52
C VAL F 1 8.18 10.45 27.84
N THR F 2 8.96 9.97 26.87
CA THR F 2 9.82 8.80 27.07
C THR F 2 10.99 9.07 28.00
N THR F 3 11.55 8.02 28.58
CA THR F 3 12.78 8.15 29.37
C THR F 3 13.97 8.15 28.42
N ASP F 4 14.97 8.97 28.73
CA ASP F 4 16.19 8.99 27.90
C ASP F 4 17.27 8.08 28.47
N ILE F 5 16.94 7.36 29.54
CA ILE F 5 17.86 6.36 30.10
C ILE F 5 18.26 5.31 29.06
N GLN F 6 19.55 5.09 28.88
CA GLN F 6 20.07 4.08 27.94
C GLN F 6 20.87 3.05 28.70
N VAL F 7 20.46 1.78 28.64
CA VAL F 7 21.19 0.73 29.36
C VAL F 7 21.48 -0.48 28.47
N LYS F 8 22.65 -1.06 28.68
CA LYS F 8 23.04 -2.32 28.05
C LYS F 8 22.60 -3.50 28.90
N VAL F 9 22.09 -4.55 28.25
CA VAL F 9 21.67 -5.73 28.99
C VAL F 9 22.89 -6.61 29.32
C 1KX G . -12.82 -7.58 -28.70
N 1KX G . -13.33 -5.22 -29.24
O 1KX G . -14.93 1.35 -26.97
C01 1KX G . -13.88 -1.71 -30.39
N01 1KX G . -12.94 -1.66 -31.41
C02 1KX G . -14.06 -2.86 -29.63
N02 1KX G . -15.06 -2.58 -28.69
C03 1KX G . -15.48 -1.30 -28.89
N03 1KX G . -14.77 -0.77 -29.92
C04 1KX G . -14.88 0.57 -30.44
N04 1KX G . -12.35 -3.86 -30.97
C05 1KX G . -16.33 1.15 -30.12
N05 1KX G . -11.25 -2.69 -32.71
C06 1KX G . -16.22 2.19 -29.24
C07 1KX G . -14.78 2.52 -29.03
C08 1KX G . -14.38 2.50 -27.61
C09 1KX G . -13.97 1.38 -29.81
C10 1KX G . -13.24 -3.99 -29.97
C11 1KX G . -12.20 -2.73 -31.66
C12 1KX G . -12.75 -6.45 -29.72
C13 1KX G . -11.48 -6.94 -29.01
C 1KX H . 16.44 -7.48 26.86
N 1KX H . 15.88 -5.29 27.89
O 1KX H . 14.25 1.45 27.28
C01 1KX H . 14.73 -2.30 29.82
N01 1KX H . 13.89 -2.93 30.72
C02 1KX H . 15.43 -3.00 28.85
N02 1KX H . 16.16 -2.09 28.11
C03 1KX H . 15.93 -0.84 28.63
N03 1KX H . 15.05 -0.96 29.67
C04 1KX H . 14.55 0.10 30.48
N04 1KX H . 14.42 -4.97 29.76
C05 1KX H . 15.60 1.29 30.47
N05 1KX H . 12.92 -4.91 31.57
C06 1KX H . 15.10 2.34 29.76
C07 1KX H . 13.65 2.09 29.50
C08 1KX H . 13.31 2.18 28.06
C09 1KX H . 13.38 0.59 29.98
C10 1KX H . 15.23 -4.43 28.84
C11 1KX H . 13.76 -4.24 30.65
C12 1KX H . 15.92 -6.73 28.08
C13 1KX H . 14.98 -7.60 27.25
#